data_1IVG
#
_entry.id   1IVG
#
_cell.length_a   120.970
_cell.length_b   141.140
_cell.length_c   142.160
_cell.angle_alpha   90.00
_cell.angle_beta   90.00
_cell.angle_gamma   90.00
#
_symmetry.space_group_name_H-M   'C 2 2 21'
#
loop_
_entity.id
_entity.type
_entity.pdbx_description
1 polymer 'INFLUENZA A SUBTYPE N2 NEURAMINIDASE'
2 branched 2-acetamido-2-deoxy-beta-D-glucopyranose-(1-4)-2-acetamido-2-deoxy-beta-D-glucopyranose
3 branched beta-D-mannopyranose-(1-4)-2-acetamido-2-deoxy-beta-D-glucopyranose-(1-4)-[beta-L-fucopyranose-(1-6)]2-acetamido-2-deoxy-beta-D-glucopyranose
4 branched alpha-D-mannopyranose-(1-2)-alpha-D-mannopyranose-(1-3)-beta-D-mannopyranose-(1-4)-2-acetamido-2-deoxy-beta-D-glucopyranose-(1-4)-[alpha-D-mannopyranose-(1-6)]2-acetamido-2-deoxy-beta-D-glucopyranose
5 branched beta-D-mannopyranose-(1-4)-2-acetamido-2-deoxy-beta-D-glucopyranose-(1-4)-[alpha-L-fucopyranose-(1-6)]2-acetamido-2-deoxy-beta-D-glucopyranose
6 non-polymer 'CALCIUM ION'
7 water water
#
_entity_poly.entity_id   1
_entity_poly.type   'polypeptide(L)'
_entity_poly.pdbx_seq_one_letter_code
;VEYRNWSKPQCQITGFAPFSKDNSIRLSAGGDIWVTREPYVSCDPVKCYQFALGQGTTLDNKHSNDTVHDRIPHRTLLMN
ELGVPFHLGTRQVCIAWSSSSCHDGKAWLHVCITGDDKNATASFIYDGRLVDSIGSWSQNILRTQESECVCINGTCTVVM
TDGSASGRADTRILFIEEGKIVHISPLAGSAQHVEECSCYPRYPGVRCICRDNWKGSNRPVVDINMEDYSIDSSYVCSGL
VGDTPRNDDRSSNSNCRDPNNERGTQGVKGWAFDNGNDLWMGRTISKDLRSGYETFKVIGGWSTPNSKSQINRQVIVDSD
NRSGYSGIFSVEGKSCINRCFYVELIRGRKQETRVWWTSNSIVVFCGTSGTYGTGSWPDGANINFMPI
;
_entity_poly.pdbx_strand_id   A,B
#
# COMPACT_ATOMS: atom_id res chain seq x y z
N VAL A 1 -7.38 -21.97 12.36
CA VAL A 1 -8.76 -21.66 11.88
C VAL A 1 -8.89 -22.32 10.53
N GLU A 2 -10.12 -22.46 10.06
CA GLU A 2 -10.39 -23.02 8.75
C GLU A 2 -11.06 -21.88 7.96
N TYR A 3 -11.36 -22.15 6.69
CA TYR A 3 -11.98 -21.18 5.82
C TYR A 3 -13.44 -20.87 6.17
N ARG A 4 -13.84 -19.59 6.03
CA ARG A 4 -15.22 -19.16 6.28
C ARG A 4 -16.11 -19.73 5.17
N ASN A 5 -17.29 -20.24 5.53
CA ASN A 5 -18.21 -20.76 4.53
C ASN A 5 -19.56 -20.09 4.54
N TRP A 6 -19.81 -19.25 5.55
CA TRP A 6 -21.08 -18.52 5.70
C TRP A 6 -22.33 -19.43 5.57
N SER A 7 -22.29 -20.57 6.24
CA SER A 7 -23.36 -21.54 6.21
C SER A 7 -24.29 -21.44 7.41
N LYS A 8 -25.16 -20.45 7.41
CA LYS A 8 -26.13 -20.25 8.48
C LYS A 8 -27.17 -19.38 7.86
N PRO A 9 -28.43 -19.52 8.28
CA PRO A 9 -29.44 -18.65 7.67
C PRO A 9 -29.22 -17.18 8.01
N GLN A 10 -29.98 -16.32 7.36
CA GLN A 10 -29.88 -14.90 7.64
C GLN A 10 -30.73 -14.69 8.88
N CYS A 11 -30.34 -13.74 9.72
CA CYS A 11 -31.12 -13.43 10.91
C CYS A 11 -32.36 -12.71 10.42
N GLN A 12 -33.48 -12.92 11.12
CA GLN A 12 -34.75 -12.27 10.78
C GLN A 12 -34.75 -10.93 11.56
N ILE A 13 -34.79 -9.79 10.87
CA ILE A 13 -34.74 -8.54 11.61
C ILE A 13 -35.99 -7.67 11.72
N THR A 14 -35.97 -6.73 12.66
CA THR A 14 -37.10 -5.83 12.84
C THR A 14 -36.69 -4.42 12.39
N GLY A 15 -35.39 -4.16 12.41
CA GLY A 15 -34.87 -2.87 12.01
C GLY A 15 -33.40 -2.87 12.35
N PHE A 16 -32.85 -1.69 12.64
CA PHE A 16 -31.43 -1.58 12.93
C PHE A 16 -31.17 -0.85 14.24
N ALA A 17 -29.99 -1.08 14.81
CA ALA A 17 -29.56 -0.48 16.07
C ALA A 17 -28.18 0.22 15.94
N PRO A 18 -27.99 1.33 16.66
CA PRO A 18 -26.73 2.09 16.62
C PRO A 18 -25.53 1.22 16.99
N PHE A 19 -24.47 1.29 16.17
CA PHE A 19 -23.28 0.48 16.45
C PHE A 19 -22.03 1.33 16.72
N SER A 20 -21.61 2.14 15.76
CA SER A 20 -20.41 2.94 15.94
C SER A 20 -20.45 4.28 15.21
N LYS A 21 -19.60 5.19 15.66
CA LYS A 21 -19.48 6.53 15.10
C LYS A 21 -18.07 6.95 15.40
N ASP A 22 -17.34 7.45 14.41
CA ASP A 22 -15.97 7.85 14.67
C ASP A 22 -15.75 9.34 14.97
N ASN A 23 -16.68 10.21 14.57
CA ASN A 23 -16.56 11.66 14.82
C ASN A 23 -15.26 12.31 14.28
N SER A 24 -14.73 11.75 13.19
CA SER A 24 -13.47 12.26 12.60
C SER A 24 -13.34 13.79 12.46
N ILE A 25 -14.31 14.41 11.77
CA ILE A 25 -14.32 15.85 11.53
C ILE A 25 -14.31 16.77 12.77
N ARG A 26 -15.20 16.56 13.74
CA ARG A 26 -15.18 17.39 14.97
C ARG A 26 -13.76 17.36 15.56
N LEU A 27 -13.17 16.16 15.55
CA LEU A 27 -11.83 15.92 16.07
C LEU A 27 -10.75 16.63 15.23
N SER A 28 -10.94 16.71 13.92
CA SER A 28 -9.98 17.38 13.03
C SER A 28 -9.72 18.85 13.39
N ALA A 29 -10.70 19.46 14.02
CA ALA A 29 -10.64 20.85 14.42
C ALA A 29 -9.66 21.07 15.54
N GLY A 30 -9.16 19.99 16.13
CA GLY A 30 -8.21 20.11 17.21
C GLY A 30 -7.55 18.76 17.39
N GLY A 31 -6.75 18.38 16.39
CA GLY A 31 -6.03 17.11 16.40
C GLY A 31 -5.57 16.76 15.00
N ASP A 32 -4.50 16.00 14.90
CA ASP A 32 -3.98 15.60 13.59
C ASP A 32 -4.71 14.36 13.04
N ILE A 33 -5.73 14.60 12.22
CA ILE A 33 -6.54 13.54 11.65
C ILE A 33 -6.50 13.56 10.13
N TRP A 34 -6.46 12.39 9.52
CA TRP A 34 -6.41 12.22 8.05
C TRP A 34 -7.60 12.73 7.24
N VAL A 35 -7.34 13.05 5.97
CA VAL A 35 -8.41 13.48 5.08
C VAL A 35 -8.82 12.22 4.32
N THR A 36 -10.10 11.85 4.40
CA THR A 36 -10.59 10.61 3.78
C THR A 36 -11.83 10.74 2.87
N ARG A 37 -12.18 9.64 2.22
CA ARG A 37 -13.36 9.52 1.38
C ARG A 37 -13.46 8.05 1.06
N GLU A 38 -14.66 7.62 0.65
CA GLU A 38 -14.95 6.23 0.32
C GLU A 38 -14.53 5.27 1.44
N PRO A 39 -15.21 5.33 2.60
CA PRO A 39 -14.88 4.44 3.72
C PRO A 39 -15.71 3.18 3.64
N TYR A 40 -15.37 2.20 4.47
CA TYR A 40 -16.13 0.94 4.58
C TYR A 40 -15.68 0.15 5.78
N VAL A 41 -16.30 -1.00 6.01
CA VAL A 41 -15.92 -1.82 7.16
C VAL A 41 -16.04 -3.31 6.92
N SER A 42 -15.16 -4.05 7.56
CA SER A 42 -15.18 -5.49 7.47
C SER A 42 -14.82 -6.01 8.84
N CYS A 43 -15.10 -7.28 9.07
CA CYS A 43 -14.81 -7.89 10.36
C CYS A 43 -14.20 -9.27 10.11
N ASP A 44 -13.09 -9.54 10.78
CA ASP A 44 -12.50 -10.86 10.65
C ASP A 44 -13.28 -11.67 11.71
N PRO A 45 -12.95 -12.94 11.92
CA PRO A 45 -13.70 -13.71 12.92
C PRO A 45 -13.92 -13.10 14.30
N VAL A 46 -13.02 -12.24 14.77
CA VAL A 46 -13.16 -11.64 16.11
C VAL A 46 -13.55 -10.16 16.23
N LYS A 47 -13.08 -9.33 15.32
CA LYS A 47 -13.42 -7.93 15.42
C LYS A 47 -13.54 -7.21 14.07
N CYS A 48 -14.22 -6.06 14.09
CA CYS A 48 -14.41 -5.24 12.88
C CYS A 48 -13.34 -4.17 12.76
N TYR A 49 -12.99 -3.82 11.52
CA TYR A 49 -11.99 -2.77 11.26
C TYR A 49 -12.62 -1.80 10.24
N GLN A 50 -12.32 -0.51 10.38
CA GLN A 50 -12.82 0.49 9.48
C GLN A 50 -11.70 0.88 8.51
N PHE A 51 -12.06 1.08 7.24
CA PHE A 51 -11.10 1.44 6.20
C PHE A 51 -11.58 2.71 5.51
N ALA A 52 -10.71 3.28 4.68
CA ALA A 52 -10.98 4.47 3.89
C ALA A 52 -9.72 4.72 3.09
N LEU A 53 -9.87 5.41 1.96
CA LEU A 53 -8.75 5.77 1.09
C LEU A 53 -8.31 7.19 1.55
N GLY A 54 -7.13 7.29 2.16
CA GLY A 54 -6.68 8.60 2.60
C GLY A 54 -6.34 9.52 1.44
N GLN A 55 -5.91 10.74 1.74
CA GLN A 55 -5.54 11.72 0.70
C GLN A 55 -4.09 12.15 0.82
N GLY A 56 -3.33 11.42 1.63
CA GLY A 56 -1.90 11.71 1.83
C GLY A 56 -1.55 12.93 2.64
N THR A 57 -2.48 13.39 3.47
CA THR A 57 -2.26 14.57 4.29
C THR A 57 -3.23 14.56 5.47
N THR A 58 -2.97 15.46 6.42
CA THR A 58 -3.81 15.70 7.59
C THR A 58 -4.78 16.80 7.12
N LEU A 59 -5.92 16.95 7.79
CA LEU A 59 -6.91 17.95 7.42
C LEU A 59 -6.39 19.36 7.62
N ASP A 60 -5.83 19.61 8.80
CA ASP A 60 -5.28 20.91 9.12
C ASP A 60 -3.86 20.89 8.53
N ASN A 61 -3.80 20.87 7.21
CA ASN A 61 -2.53 20.80 6.48
C ASN A 61 -2.74 21.59 5.22
N LYS A 62 -1.76 22.39 4.79
CA LYS A 62 -1.94 23.16 3.54
C LYS A 62 -2.17 22.17 2.39
N HIS A 63 -1.65 20.95 2.51
CA HIS A 63 -1.82 19.95 1.46
C HIS A 63 -3.25 19.42 1.30
N SER A 64 -4.18 19.79 2.19
CA SER A 64 -5.55 19.32 2.07
C SER A 64 -6.37 20.10 1.02
N ASN A 65 -5.85 21.25 0.60
CA ASN A 65 -6.50 22.08 -0.41
C ASN A 65 -6.71 21.33 -1.73
N ASP A 66 -7.94 21.42 -2.22
CA ASP A 66 -8.35 20.82 -3.48
C ASP A 66 -8.43 19.28 -3.50
N THR A 67 -8.87 18.78 -2.36
CA THR A 67 -9.06 17.38 -2.07
C THR A 67 -10.31 16.74 -2.75
N VAL A 68 -11.09 17.51 -3.52
CA VAL A 68 -12.29 16.99 -4.18
C VAL A 68 -11.93 15.87 -5.16
N HIS A 69 -10.79 16.02 -5.82
CA HIS A 69 -10.31 15.01 -6.79
C HIS A 69 -10.19 13.57 -6.26
N ASP A 70 -10.86 12.67 -6.97
CA ASP A 70 -10.90 11.27 -6.62
C ASP A 70 -9.60 10.48 -6.82
N ARG A 71 -8.72 10.93 -7.72
CA ARG A 71 -7.52 10.13 -8.01
C ARG A 71 -6.13 10.77 -8.17
N ILE A 72 -5.27 10.63 -7.15
CA ILE A 72 -3.89 11.13 -7.17
C ILE A 72 -3.02 9.97 -6.72
N PRO A 73 -1.69 9.98 -7.01
CA PRO A 73 -0.77 8.89 -6.62
C PRO A 73 -0.49 8.78 -5.12
N HIS A 74 -1.10 9.63 -4.32
CA HIS A 74 -0.85 9.63 -2.89
C HIS A 74 -1.92 8.97 -2.00
N ARG A 75 -3.06 8.59 -2.60
CA ARG A 75 -4.12 7.92 -1.85
C ARG A 75 -3.66 6.47 -1.58
N THR A 76 -3.81 6.06 -0.33
CA THR A 76 -3.45 4.73 0.12
C THR A 76 -4.59 4.35 1.06
N LEU A 77 -4.78 3.05 1.25
CA LEU A 77 -5.85 2.47 2.10
C LEU A 77 -5.37 2.42 3.55
N LEU A 78 -6.24 2.86 4.46
CA LEU A 78 -5.90 2.88 5.87
C LEU A 78 -6.84 1.96 6.61
N MET A 79 -6.28 1.22 7.59
CA MET A 79 -7.06 0.29 8.40
C MET A 79 -6.86 0.49 9.90
N ASN A 80 -7.97 0.58 10.64
CA ASN A 80 -8.00 0.74 12.11
C ASN A 80 -9.14 -0.07 12.76
N GLU A 81 -9.04 -0.33 14.06
CA GLU A 81 -10.10 -1.04 14.76
C GLU A 81 -11.32 -0.12 14.70
N LEU A 82 -12.47 -0.65 14.35
CA LEU A 82 -13.68 0.15 14.24
C LEU A 82 -13.92 0.99 15.49
N GLY A 83 -13.86 2.30 15.34
CA GLY A 83 -14.12 3.14 16.50
C GLY A 83 -12.95 4.00 16.94
N VAL A 84 -11.74 3.67 16.52
CA VAL A 84 -10.57 4.50 16.84
C VAL A 84 -10.36 5.34 15.56
N PRO A 85 -10.31 6.68 15.70
CA PRO A 85 -10.13 7.57 14.55
C PRO A 85 -8.80 7.51 13.81
N PHE A 86 -8.83 7.94 12.55
CA PHE A 86 -7.64 7.95 11.71
C PHE A 86 -6.58 8.94 12.14
N HIS A 87 -5.81 8.56 13.14
CA HIS A 87 -4.73 9.39 13.69
C HIS A 87 -3.41 9.06 12.98
N LEU A 88 -2.34 9.77 13.31
CA LEU A 88 -1.05 9.55 12.65
C LEU A 88 -0.47 8.15 12.79
N GLY A 89 -0.89 7.44 13.84
CA GLY A 89 -0.39 6.08 14.04
C GLY A 89 -1.10 5.10 13.12
N THR A 90 -2.10 5.58 12.40
CA THR A 90 -2.85 4.68 11.52
C THR A 90 -1.96 4.00 10.45
N ARG A 91 -2.36 2.80 10.02
CA ARG A 91 -1.59 2.04 9.05
C ARG A 91 -2.04 2.13 7.59
N GLN A 92 -1.12 2.51 6.71
CA GLN A 92 -1.43 2.57 5.27
C GLN A 92 -1.06 1.19 4.68
N VAL A 93 -2.05 0.32 4.54
CA VAL A 93 -1.79 -1.03 4.04
C VAL A 93 -1.40 -1.18 2.56
N CYS A 94 -1.62 -0.15 1.74
CA CYS A 94 -1.23 -0.21 0.32
C CYS A 94 -1.49 1.11 -0.40
N ILE A 95 -0.98 1.23 -1.64
CA ILE A 95 -1.20 2.41 -2.50
C ILE A 95 -2.50 2.12 -3.29
N ALA A 96 -3.52 2.94 -3.15
CA ALA A 96 -4.76 2.68 -3.86
C ALA A 96 -5.70 3.88 -3.98
N TRP A 97 -6.27 4.13 -5.16
CA TRP A 97 -7.27 5.18 -5.26
C TRP A 97 -8.67 4.57 -5.38
N SER A 98 -8.73 3.24 -5.26
CA SER A 98 -9.96 2.45 -5.32
C SER A 98 -9.57 1.08 -4.72
N SER A 99 -10.43 0.50 -3.88
CA SER A 99 -10.14 -0.77 -3.21
C SER A 99 -11.36 -1.64 -2.80
N SER A 100 -11.05 -2.79 -2.21
CA SER A 100 -12.02 -3.73 -1.67
C SER A 100 -11.16 -4.58 -0.74
N SER A 101 -11.75 -5.12 0.32
CA SER A 101 -11.00 -5.91 1.26
C SER A 101 -11.86 -6.94 1.94
N CYS A 102 -11.29 -8.11 2.18
CA CYS A 102 -12.00 -9.20 2.84
C CYS A 102 -11.11 -10.25 3.46
N HIS A 103 -11.67 -10.91 4.45
CA HIS A 103 -10.99 -11.93 5.20
C HIS A 103 -11.62 -13.31 4.86
N ASP A 104 -10.83 -14.21 4.27
CA ASP A 104 -11.32 -15.55 3.91
C ASP A 104 -11.55 -16.52 5.08
N GLY A 105 -10.96 -16.18 6.23
CA GLY A 105 -11.06 -16.99 7.43
C GLY A 105 -9.66 -17.18 7.97
N LYS A 106 -8.72 -17.31 7.05
CA LYS A 106 -7.31 -17.49 7.36
C LYS A 106 -6.56 -16.17 7.47
N ALA A 107 -6.95 -15.17 6.68
CA ALA A 107 -6.27 -13.87 6.67
C ALA A 107 -7.00 -12.85 5.81
N TRP A 108 -6.36 -11.69 5.58
CA TRP A 108 -6.89 -10.59 4.76
C TRP A 108 -6.41 -10.54 3.31
N LEU A 109 -7.33 -10.16 2.44
CA LEU A 109 -7.12 -9.99 1.01
C LEU A 109 -7.41 -8.52 0.72
N HIS A 110 -6.41 -7.80 0.22
CA HIS A 110 -6.56 -6.38 -0.11
C HIS A 110 -6.42 -6.16 -1.61
N VAL A 111 -7.43 -5.60 -2.26
CA VAL A 111 -7.28 -5.32 -3.69
C VAL A 111 -7.26 -3.79 -3.85
N CYS A 112 -6.06 -3.29 -4.14
CA CYS A 112 -5.77 -1.90 -4.29
C CYS A 112 -5.46 -1.54 -5.77
N ILE A 113 -6.09 -0.49 -6.31
CA ILE A 113 -5.88 -0.07 -7.71
C ILE A 113 -5.25 1.34 -7.85
N THR A 114 -4.26 1.50 -8.72
CA THR A 114 -3.60 2.80 -8.86
C THR A 114 -2.83 2.97 -10.16
N GLY A 115 -2.40 4.20 -10.41
CA GLY A 115 -1.63 4.52 -11.61
C GLY A 115 -2.39 5.42 -12.54
N ASP A 116 -1.96 5.50 -13.79
CA ASP A 116 -2.59 6.35 -14.80
C ASP A 116 -3.99 5.84 -15.18
N ASP A 117 -4.98 6.73 -15.22
CA ASP A 117 -6.36 6.38 -15.57
C ASP A 117 -6.52 5.51 -16.81
N LYS A 118 -5.65 5.70 -17.79
CA LYS A 118 -5.75 4.92 -19.02
C LYS A 118 -4.93 3.65 -18.94
N ASN A 119 -4.14 3.49 -17.89
CA ASN A 119 -3.36 2.27 -17.79
C ASN A 119 -3.04 1.87 -16.37
N ALA A 120 -4.09 1.71 -15.57
CA ALA A 120 -3.97 1.33 -14.15
C ALA A 120 -3.57 -0.13 -13.86
N THR A 121 -3.05 -0.33 -12.64
CA THR A 121 -2.61 -1.62 -12.15
C THR A 121 -3.29 -1.88 -10.81
N ALA A 122 -3.86 -3.07 -10.66
CA ALA A 122 -4.54 -3.48 -9.42
C ALA A 122 -3.75 -4.59 -8.72
N SER A 123 -3.35 -4.35 -7.47
CA SER A 123 -2.59 -5.33 -6.69
C SER A 123 -3.41 -6.14 -5.71
N PHE A 124 -3.03 -7.42 -5.62
CA PHE A 124 -3.64 -8.39 -4.75
C PHE A 124 -2.60 -8.76 -3.72
N ILE A 125 -2.86 -8.32 -2.49
CA ILE A 125 -1.96 -8.55 -1.39
C ILE A 125 -2.68 -9.47 -0.42
N TYR A 126 -2.17 -10.71 -0.31
CA TYR A 126 -2.75 -11.69 0.60
C TYR A 126 -1.75 -11.93 1.70
N ASP A 127 -2.26 -12.18 2.91
CA ASP A 127 -1.44 -12.41 4.09
C ASP A 127 -0.18 -11.57 4.16
N GLY A 128 -0.33 -10.27 3.96
CA GLY A 128 0.77 -9.33 4.05
C GLY A 128 1.75 -9.24 2.91
N ARG A 129 1.54 -10.02 1.84
CA ARG A 129 2.46 -10.04 0.68
C ARG A 129 1.80 -9.82 -0.68
N LEU A 130 2.57 -9.37 -1.67
CA LEU A 130 2.02 -9.19 -3.02
C LEU A 130 2.10 -10.55 -3.73
N VAL A 131 0.93 -11.07 -4.10
CA VAL A 131 0.84 -12.39 -4.73
C VAL A 131 0.53 -12.41 -6.23
N ASP A 132 -0.16 -11.38 -6.72
CA ASP A 132 -0.57 -11.30 -8.13
C ASP A 132 -0.88 -9.84 -8.45
N SER A 133 -1.19 -9.54 -9.70
CA SER A 133 -1.55 -8.18 -10.12
C SER A 133 -2.15 -8.25 -11.53
N ILE A 134 -2.94 -7.24 -11.90
CA ILE A 134 -3.57 -7.19 -13.22
C ILE A 134 -3.60 -5.76 -13.78
N GLY A 135 -3.47 -5.64 -15.09
CA GLY A 135 -3.49 -4.34 -15.70
C GLY A 135 -4.84 -4.05 -16.35
N SER A 136 -5.16 -2.76 -16.53
CA SER A 136 -6.38 -2.30 -17.15
C SER A 136 -6.70 -2.96 -18.50
N TRP A 137 -7.97 -3.32 -18.68
CA TRP A 137 -8.42 -3.96 -19.90
C TRP A 137 -9.18 -3.08 -20.91
N SER A 138 -9.69 -1.92 -20.49
CA SER A 138 -10.39 -1.03 -21.41
C SER A 138 -9.72 0.34 -21.44
N GLN A 139 -8.62 0.47 -20.70
CA GLN A 139 -7.87 1.72 -20.62
C GLN A 139 -8.65 2.94 -20.18
N ASN A 140 -9.78 2.74 -19.51
CA ASN A 140 -10.56 3.88 -19.04
C ASN A 140 -11.04 3.68 -17.63
N ILE A 141 -10.18 4.05 -16.68
CA ILE A 141 -10.41 3.95 -15.25
C ILE A 141 -10.87 2.57 -14.73
N LEU A 142 -9.90 1.70 -14.43
CA LEU A 142 -10.20 0.38 -13.88
C LEU A 142 -10.63 0.67 -12.43
N ARG A 143 -11.77 0.10 -12.03
CA ARG A 143 -12.31 0.35 -10.70
C ARG A 143 -13.02 -0.85 -10.05
N THR A 144 -13.35 -0.72 -8.77
CA THR A 144 -13.99 -1.79 -8.02
C THR A 144 -14.95 -1.29 -6.92
N GLN A 145 -15.39 -2.20 -6.06
CA GLN A 145 -16.39 -1.97 -5.01
C GLN A 145 -16.31 -0.83 -4.00
N GLU A 146 -15.15 -0.58 -3.41
CA GLU A 146 -15.02 0.47 -2.38
C GLU A 146 -15.72 -0.03 -1.11
N SER A 147 -15.70 -1.34 -0.90
CA SER A 147 -16.28 -2.00 0.27
C SER A 147 -15.85 -3.46 0.20
N GLU A 148 -16.07 -4.23 1.27
CA GLU A 148 -15.66 -5.62 1.36
C GLU A 148 -16.06 -6.58 0.24
N CYS A 149 -15.13 -7.49 -0.03
CA CYS A 149 -15.36 -8.54 -1.00
C CYS A 149 -15.76 -9.71 -0.09
N VAL A 150 -16.11 -10.86 -0.65
CA VAL A 150 -16.48 -11.97 0.21
C VAL A 150 -15.86 -13.26 -0.25
N CYS A 151 -15.58 -14.12 0.71
CA CYS A 151 -14.98 -15.40 0.45
C CYS A 151 -15.84 -16.52 1.03
N ILE A 152 -15.85 -17.63 0.31
CA ILE A 152 -16.57 -18.82 0.73
C ILE A 152 -15.60 -19.95 0.39
N ASN A 153 -15.36 -20.83 1.35
CA ASN A 153 -14.46 -21.96 1.17
C ASN A 153 -13.09 -21.56 0.62
N GLY A 154 -12.59 -20.40 1.04
CA GLY A 154 -11.28 -19.92 0.61
C GLY A 154 -11.16 -19.27 -0.76
N THR A 155 -12.29 -18.95 -1.39
CA THR A 155 -12.29 -18.29 -2.70
C THR A 155 -13.05 -16.99 -2.44
N CYS A 156 -12.43 -15.87 -2.78
CA CYS A 156 -13.01 -14.54 -2.57
C CYS A 156 -13.41 -13.93 -3.89
N THR A 157 -14.58 -13.30 -3.95
CA THR A 157 -15.07 -12.62 -5.14
C THR A 157 -14.88 -11.12 -5.12
N VAL A 158 -14.63 -10.54 -6.29
CA VAL A 158 -14.49 -9.11 -6.43
C VAL A 158 -14.95 -8.73 -7.83
N VAL A 159 -15.76 -7.67 -7.94
CA VAL A 159 -16.20 -7.23 -9.25
C VAL A 159 -15.60 -5.87 -9.63
N MET A 160 -14.95 -5.85 -10.80
CA MET A 160 -14.27 -4.64 -11.30
C MET A 160 -14.90 -4.19 -12.59
N THR A 161 -14.71 -2.91 -12.91
CA THR A 161 -15.27 -2.35 -14.12
C THR A 161 -14.21 -1.50 -14.77
N ASP A 162 -14.23 -1.43 -16.09
CA ASP A 162 -13.29 -0.63 -16.83
C ASP A 162 -14.09 -0.08 -18.01
N GLY A 163 -13.87 1.19 -18.34
CA GLY A 163 -14.58 1.81 -19.44
C GLY A 163 -15.41 3.05 -19.11
N SER A 164 -16.42 3.29 -19.95
CA SER A 164 -17.30 4.43 -19.83
C SER A 164 -18.06 4.62 -18.52
N ALA A 165 -17.90 5.82 -17.95
CA ALA A 165 -18.58 6.18 -16.71
C ALA A 165 -20.03 6.51 -17.00
N SER A 166 -20.38 6.54 -18.28
CA SER A 166 -21.74 6.82 -18.71
C SER A 166 -22.02 6.22 -20.10
N GLY A 167 -21.60 4.96 -20.26
CA GLY A 167 -21.79 4.23 -21.49
C GLY A 167 -21.39 2.78 -21.28
N ARG A 168 -21.49 1.94 -22.32
CA ARG A 168 -21.12 0.54 -22.22
C ARG A 168 -19.72 0.42 -21.60
N ALA A 169 -19.60 -0.40 -20.58
CA ALA A 169 -18.31 -0.60 -19.93
C ALA A 169 -17.97 -2.09 -20.03
N ASP A 170 -16.93 -2.53 -19.31
CA ASP A 170 -16.53 -3.92 -19.34
C ASP A 170 -16.41 -4.34 -17.87
N THR A 171 -17.46 -4.99 -17.38
CA THR A 171 -17.50 -5.44 -16.00
C THR A 171 -17.15 -6.92 -15.90
N ARG A 172 -16.31 -7.24 -14.92
CA ARG A 172 -15.85 -8.61 -14.70
C ARG A 172 -15.80 -9.01 -13.23
N ILE A 173 -16.00 -10.29 -12.97
CA ILE A 173 -15.99 -10.85 -11.63
C ILE A 173 -14.72 -11.72 -11.53
N LEU A 174 -13.88 -11.43 -10.54
CA LEU A 174 -12.63 -12.13 -10.33
C LEU A 174 -12.70 -13.09 -9.15
N PHE A 175 -12.12 -14.27 -9.33
CA PHE A 175 -12.09 -15.27 -8.29
C PHE A 175 -10.63 -15.42 -7.94
N ILE A 176 -10.30 -15.23 -6.67
CA ILE A 176 -8.93 -15.36 -6.26
C ILE A 176 -8.83 -16.26 -5.03
N GLU A 177 -7.81 -17.13 -5.03
CA GLU A 177 -7.59 -18.04 -3.92
C GLU A 177 -6.20 -17.80 -3.39
N GLU A 178 -6.11 -17.53 -2.10
CA GLU A 178 -4.85 -17.27 -1.44
C GLU A 178 -4.05 -16.14 -2.06
N GLY A 179 -4.77 -15.18 -2.64
CA GLY A 179 -4.16 -14.03 -3.26
C GLY A 179 -3.97 -14.18 -4.76
N LYS A 180 -4.14 -15.39 -5.29
CA LYS A 180 -3.95 -15.62 -6.72
C LYS A 180 -5.25 -15.70 -7.53
N ILE A 181 -5.28 -15.00 -8.66
CA ILE A 181 -6.44 -14.95 -9.58
C ILE A 181 -6.63 -16.31 -10.22
N VAL A 182 -7.70 -17.01 -9.84
CA VAL A 182 -7.95 -18.35 -10.38
C VAL A 182 -8.92 -18.44 -11.55
N HIS A 183 -9.73 -17.41 -11.75
CA HIS A 183 -10.69 -17.40 -12.86
C HIS A 183 -11.28 -15.98 -13.02
N ILE A 184 -11.72 -15.65 -14.23
CA ILE A 184 -12.32 -14.34 -14.53
C ILE A 184 -13.60 -14.48 -15.34
N SER A 185 -14.73 -14.08 -14.77
CA SER A 185 -16.04 -14.17 -15.44
C SER A 185 -16.56 -12.80 -15.95
N PRO A 186 -16.89 -12.70 -17.24
CA PRO A 186 -17.41 -11.47 -17.87
C PRO A 186 -18.89 -11.36 -17.57
N LEU A 187 -19.37 -10.15 -17.24
CA LEU A 187 -20.77 -9.91 -16.92
C LEU A 187 -21.76 -10.43 -17.97
N ALA A 188 -22.92 -10.89 -17.48
CA ALA A 188 -24.01 -11.44 -18.30
C ALA A 188 -25.35 -11.13 -17.63
N GLY A 189 -26.45 -11.20 -18.38
CA GLY A 189 -27.75 -10.88 -17.81
C GLY A 189 -28.33 -9.59 -18.39
N SER A 190 -29.36 -9.06 -17.74
CA SER A 190 -30.00 -7.86 -18.24
C SER A 190 -29.47 -6.53 -17.73
N ALA A 191 -28.62 -6.56 -16.69
CA ALA A 191 -28.07 -5.34 -16.11
C ALA A 191 -27.24 -4.50 -17.09
N GLN A 192 -27.73 -3.30 -17.38
CA GLN A 192 -27.09 -2.40 -18.33
C GLN A 192 -25.79 -1.70 -17.97
N HIS A 193 -25.58 -1.40 -16.69
CA HIS A 193 -24.35 -0.72 -16.29
C HIS A 193 -24.13 -0.96 -14.81
N VAL A 194 -23.05 -1.66 -14.49
CA VAL A 194 -22.69 -2.01 -13.11
C VAL A 194 -21.56 -1.15 -12.56
N GLU A 195 -21.70 -0.70 -11.32
CA GLU A 195 -20.67 0.11 -10.66
C GLU A 195 -20.70 -0.11 -9.15
N GLU A 196 -19.60 0.26 -8.48
CA GLU A 196 -19.42 0.16 -7.01
C GLU A 196 -20.26 -0.87 -6.28
N CYS A 197 -20.11 -2.12 -6.67
CA CYS A 197 -20.93 -3.17 -6.10
C CYS A 197 -21.06 -3.28 -4.61
N SER A 198 -22.20 -3.83 -4.25
CA SER A 198 -22.59 -4.01 -2.88
C SER A 198 -22.90 -5.45 -2.56
N CYS A 199 -21.84 -6.22 -2.33
CA CYS A 199 -21.92 -7.65 -2.09
C CYS A 199 -22.07 -8.20 -0.66
N TYR A 200 -22.78 -9.32 -0.55
CA TYR A 200 -23.02 -10.01 0.72
C TYR A 200 -23.24 -11.50 0.51
N PRO A 201 -22.71 -12.37 1.41
CA PRO A 201 -22.91 -13.82 1.25
C PRO A 201 -24.36 -14.26 1.38
N ARG A 202 -24.73 -15.23 0.55
CA ARG A 202 -26.08 -15.77 0.53
C ARG A 202 -25.84 -17.22 0.05
N TYR A 203 -25.06 -17.93 0.86
CA TYR A 203 -24.67 -19.30 0.59
C TYR A 203 -25.73 -20.08 -0.18
N PRO A 204 -25.31 -20.86 -1.19
CA PRO A 204 -23.94 -21.03 -1.65
C PRO A 204 -23.40 -20.00 -2.64
N GLY A 205 -24.07 -18.85 -2.77
CA GLY A 205 -23.62 -17.83 -3.68
C GLY A 205 -23.41 -16.48 -3.03
N VAL A 206 -23.05 -15.49 -3.83
CA VAL A 206 -22.81 -14.14 -3.36
C VAL A 206 -23.73 -13.20 -4.17
N ARG A 207 -24.27 -12.17 -3.51
CA ARG A 207 -25.14 -11.25 -4.20
C ARG A 207 -24.69 -9.80 -4.04
N CYS A 208 -24.78 -9.04 -5.13
CA CYS A 208 -24.40 -7.65 -5.12
C CYS A 208 -25.50 -6.74 -5.63
N ILE A 209 -25.75 -5.66 -4.92
CA ILE A 209 -26.75 -4.67 -5.33
C ILE A 209 -25.88 -3.47 -5.71
N CYS A 210 -25.61 -3.30 -7.00
CA CYS A 210 -24.72 -2.23 -7.45
C CYS A 210 -25.33 -0.88 -7.83
N ARG A 211 -24.52 -0.04 -8.47
CA ARG A 211 -24.96 1.28 -8.90
C ARG A 211 -24.96 1.39 -10.42
N ASP A 212 -26.09 1.83 -10.98
CA ASP A 212 -26.20 2.03 -12.42
C ASP A 212 -25.99 3.53 -12.63
N ASN A 213 -24.92 3.84 -13.36
CA ASN A 213 -24.54 5.23 -13.62
C ASN A 213 -24.90 5.82 -14.99
N TRP A 214 -25.48 5.00 -15.85
CA TRP A 214 -25.81 5.42 -17.19
C TRP A 214 -27.32 5.61 -17.41
N LYS A 215 -28.07 4.53 -17.59
CA LYS A 215 -29.51 4.68 -17.83
C LYS A 215 -30.45 4.34 -16.68
N GLY A 216 -29.94 4.04 -15.49
CA GLY A 216 -30.84 3.64 -14.40
C GLY A 216 -30.85 4.36 -13.06
N SER A 217 -32.06 4.42 -12.48
CA SER A 217 -32.34 5.01 -11.17
C SER A 217 -32.61 3.84 -10.22
N ASN A 218 -33.08 2.74 -10.80
CA ASN A 218 -33.32 1.50 -10.06
C ASN A 218 -31.92 0.85 -9.94
N ARG A 219 -31.73 -0.09 -9.02
CA ARG A 219 -30.40 -0.70 -8.86
C ARG A 219 -30.24 -2.08 -9.45
N PRO A 220 -29.09 -2.37 -10.10
CA PRO A 220 -28.79 -3.68 -10.69
C PRO A 220 -28.36 -4.71 -9.63
N VAL A 221 -28.65 -5.98 -9.93
CA VAL A 221 -28.35 -7.11 -9.07
C VAL A 221 -27.38 -7.97 -9.88
N VAL A 222 -26.41 -8.57 -9.20
CA VAL A 222 -25.44 -9.43 -9.87
C VAL A 222 -25.25 -10.66 -9.02
N ASP A 223 -25.81 -11.77 -9.46
CA ASP A 223 -25.71 -13.02 -8.75
C ASP A 223 -24.52 -13.83 -9.24
N ILE A 224 -23.68 -14.23 -8.31
CA ILE A 224 -22.47 -14.98 -8.62
C ILE A 224 -22.54 -16.39 -8.05
N ASN A 225 -22.39 -17.35 -8.94
CA ASN A 225 -22.46 -18.75 -8.58
C ASN A 225 -21.06 -19.18 -8.23
N MET A 226 -20.80 -19.38 -6.95
CA MET A 226 -19.49 -19.82 -6.51
C MET A 226 -19.11 -21.15 -7.13
N GLU A 227 -20.08 -21.97 -7.51
CA GLU A 227 -19.78 -23.28 -8.13
C GLU A 227 -19.13 -23.21 -9.52
N ASP A 228 -19.94 -23.01 -10.57
CA ASP A 228 -19.41 -22.96 -11.91
C ASP A 228 -18.99 -21.57 -12.38
N TYR A 229 -18.88 -20.63 -11.43
CA TYR A 229 -18.49 -19.27 -11.76
C TYR A 229 -19.51 -18.60 -12.73
N SER A 230 -20.76 -19.00 -12.62
CA SER A 230 -21.82 -18.44 -13.46
C SER A 230 -22.29 -17.10 -12.92
N ILE A 231 -22.83 -16.25 -13.79
CA ILE A 231 -23.27 -14.93 -13.39
C ILE A 231 -24.61 -14.50 -14.01
N ASP A 232 -25.55 -14.07 -13.17
CA ASP A 232 -26.85 -13.58 -13.63
C ASP A 232 -26.95 -12.13 -13.13
N SER A 233 -27.77 -11.31 -13.79
CA SER A 233 -27.93 -9.92 -13.39
C SER A 233 -29.30 -9.37 -13.79
N SER A 234 -29.81 -8.39 -13.04
CA SER A 234 -31.12 -7.76 -13.27
C SER A 234 -31.17 -6.45 -12.47
N TYR A 235 -32.39 -5.93 -12.23
CA TYR A 235 -32.61 -4.69 -11.46
C TYR A 235 -33.59 -5.00 -10.35
N VAL A 236 -33.50 -4.34 -9.20
CA VAL A 236 -34.46 -4.65 -8.14
C VAL A 236 -35.91 -4.37 -8.59
N CYS A 237 -36.86 -5.11 -8.02
CA CYS A 237 -38.28 -4.99 -8.35
C CYS A 237 -38.98 -3.78 -7.75
N SER A 238 -38.67 -3.51 -6.49
CA SER A 238 -39.25 -2.42 -5.72
C SER A 238 -39.59 -1.12 -6.45
N GLY A 239 -40.87 -0.81 -6.47
CA GLY A 239 -41.33 0.40 -7.14
C GLY A 239 -40.85 1.66 -6.47
N LEU A 240 -40.32 1.54 -5.26
CA LEU A 240 -39.83 2.73 -4.60
C LEU A 240 -38.64 3.16 -5.45
N VAL A 241 -37.45 2.64 -5.17
CA VAL A 241 -36.19 2.95 -5.90
C VAL A 241 -35.14 3.64 -5.01
N GLY A 242 -33.98 3.01 -4.89
CA GLY A 242 -32.94 3.55 -4.03
C GLY A 242 -31.69 4.22 -4.58
N ASP A 243 -31.79 4.94 -5.70
CA ASP A 243 -30.60 5.62 -6.18
C ASP A 243 -30.87 7.12 -6.10
N THR A 244 -29.81 7.90 -6.29
CA THR A 244 -29.85 9.35 -6.30
C THR A 244 -28.92 9.78 -7.42
N PRO A 245 -29.42 10.58 -8.39
CA PRO A 245 -30.80 11.10 -8.51
C PRO A 245 -31.90 10.08 -8.80
N ARG A 246 -33.15 10.52 -8.64
CA ARG A 246 -34.30 9.67 -8.91
C ARG A 246 -35.61 10.47 -9.00
N ASN A 247 -36.66 9.80 -9.44
CA ASN A 247 -37.98 10.42 -9.55
C ASN A 247 -38.59 10.29 -8.17
N ASP A 248 -39.57 11.12 -7.85
CA ASP A 248 -40.22 11.00 -6.55
C ASP A 248 -41.08 9.73 -6.55
N ASP A 249 -41.29 9.18 -5.36
CA ASP A 249 -42.06 7.95 -5.17
C ASP A 249 -43.36 7.80 -5.97
N ARG A 250 -43.92 8.90 -6.42
CA ARG A 250 -45.17 8.85 -7.18
C ARG A 250 -44.93 8.62 -8.66
N SER A 251 -43.79 9.11 -9.13
CA SER A 251 -43.41 8.99 -10.53
C SER A 251 -42.23 8.05 -10.71
N SER A 252 -42.14 7.01 -9.87
CA SER A 252 -41.06 6.02 -9.90
C SER A 252 -41.60 4.68 -10.32
N ASN A 253 -40.68 3.79 -10.70
CA ASN A 253 -40.99 2.41 -11.09
C ASN A 253 -39.84 1.59 -11.66
N SER A 254 -40.00 0.28 -11.59
CA SER A 254 -39.01 -0.67 -12.08
C SER A 254 -39.81 -1.92 -12.43
N ASN A 255 -39.29 -2.74 -13.34
CA ASN A 255 -39.97 -3.97 -13.73
C ASN A 255 -39.11 -5.18 -13.40
N CYS A 256 -38.07 -4.96 -12.60
CA CYS A 256 -37.13 -6.01 -12.19
C CYS A 256 -36.17 -6.41 -13.33
N ARG A 257 -36.45 -5.97 -14.56
CA ARG A 257 -35.62 -6.37 -15.70
C ARG A 257 -34.70 -5.40 -16.43
N ASP A 258 -35.17 -4.19 -16.69
CA ASP A 258 -34.35 -3.23 -17.43
C ASP A 258 -34.27 -1.91 -16.66
N PRO A 259 -33.32 -1.01 -17.03
CA PRO A 259 -33.17 0.28 -16.37
C PRO A 259 -34.51 1.00 -16.48
N ASN A 260 -34.91 1.75 -15.48
CA ASN A 260 -36.20 2.43 -15.59
C ASN A 260 -36.14 3.68 -16.46
N ASN A 261 -34.92 4.01 -16.89
CA ASN A 261 -34.66 5.17 -17.72
C ASN A 261 -35.16 6.50 -17.18
N GLU A 262 -35.14 6.67 -15.86
CA GLU A 262 -35.59 7.91 -15.27
C GLU A 262 -34.46 8.50 -14.44
N ARG A 263 -33.86 9.59 -14.91
CA ARG A 263 -32.77 10.23 -14.19
C ARG A 263 -31.70 9.17 -13.95
N GLY A 264 -31.41 8.40 -14.99
CA GLY A 264 -30.45 7.31 -14.89
C GLY A 264 -28.99 7.64 -14.74
N THR A 265 -28.53 8.69 -15.43
CA THR A 265 -27.13 9.06 -15.37
C THR A 265 -26.75 9.46 -13.95
N GLN A 266 -25.49 9.26 -13.59
CA GLN A 266 -25.00 9.54 -12.25
C GLN A 266 -25.58 8.53 -11.25
N GLY A 267 -25.17 8.66 -9.99
CA GLY A 267 -25.63 7.77 -8.94
C GLY A 267 -24.82 7.90 -7.67
N VAL A 268 -24.93 6.88 -6.81
CA VAL A 268 -24.21 6.88 -5.55
C VAL A 268 -24.17 5.45 -5.08
N LYS A 269 -23.06 5.08 -4.45
CA LYS A 269 -22.89 3.75 -3.92
C LYS A 269 -24.05 3.47 -2.95
N GLY A 270 -24.82 2.43 -3.26
CA GLY A 270 -25.96 2.07 -2.44
C GLY A 270 -26.05 0.60 -2.10
N TRP A 271 -27.14 0.24 -1.41
CA TRP A 271 -27.34 -1.12 -0.91
C TRP A 271 -28.78 -1.58 -0.69
N ALA A 272 -28.93 -2.89 -0.55
CA ALA A 272 -30.22 -3.52 -0.29
C ALA A 272 -29.98 -4.99 -0.03
N PHE A 273 -30.98 -5.68 0.51
CA PHE A 273 -30.85 -7.12 0.73
C PHE A 273 -32.20 -7.82 0.83
N ASP A 274 -32.26 -9.04 0.34
CA ASP A 274 -33.49 -9.82 0.35
C ASP A 274 -33.93 -10.34 1.71
N ASN A 275 -35.25 -10.48 1.85
CA ASN A 275 -35.86 -11.02 3.05
C ASN A 275 -37.11 -11.68 2.53
N GLY A 276 -36.94 -12.88 1.98
CA GLY A 276 -38.05 -13.62 1.39
C GLY A 276 -38.56 -12.87 0.17
N ASN A 277 -39.83 -12.50 0.19
CA ASN A 277 -40.39 -11.74 -0.92
C ASN A 277 -40.09 -10.26 -0.69
N ASP A 278 -39.72 -9.92 0.55
CA ASP A 278 -39.44 -8.55 0.99
C ASP A 278 -38.02 -8.06 0.75
N LEU A 279 -37.84 -6.75 0.92
CA LEU A 279 -36.56 -6.11 0.72
C LEU A 279 -36.23 -5.03 1.75
N TRP A 280 -34.99 -5.02 2.23
CA TRP A 280 -34.53 -3.99 3.19
C TRP A 280 -33.57 -3.16 2.39
N MET A 281 -33.75 -1.84 2.44
CA MET A 281 -32.89 -0.93 1.72
C MET A 281 -32.71 0.34 2.51
N GLY A 282 -31.84 1.18 2.01
CA GLY A 282 -31.57 2.49 2.58
C GLY A 282 -31.26 3.39 1.41
N ARG A 283 -31.65 4.66 1.51
CA ARG A 283 -31.38 5.63 0.46
C ARG A 283 -31.33 7.00 1.12
N THR A 284 -30.78 7.99 0.42
CA THR A 284 -30.74 9.34 0.94
C THR A 284 -32.20 9.85 0.93
N ILE A 285 -32.58 10.72 1.86
CA ILE A 285 -33.94 11.20 1.84
C ILE A 285 -34.22 12.11 0.64
N SER A 286 -33.26 12.94 0.28
CA SER A 286 -33.48 13.79 -0.89
C SER A 286 -33.29 12.98 -2.16
N LYS A 287 -34.10 13.29 -3.16
CA LYS A 287 -34.01 12.62 -4.46
C LYS A 287 -33.00 13.28 -5.39
N ASP A 288 -32.55 14.49 -5.05
CA ASP A 288 -31.59 15.23 -5.86
C ASP A 288 -30.14 15.15 -5.41
N LEU A 289 -29.83 15.65 -4.21
CA LEU A 289 -28.46 15.62 -3.69
C LEU A 289 -28.32 14.57 -2.59
N ARG A 290 -27.08 14.30 -2.16
CA ARG A 290 -26.80 13.32 -1.10
C ARG A 290 -27.03 13.96 0.29
N SER A 291 -28.28 14.06 0.70
CA SER A 291 -28.58 14.61 2.00
C SER A 291 -29.56 13.70 2.71
N GLY A 292 -29.29 13.45 3.98
CA GLY A 292 -30.14 12.60 4.79
C GLY A 292 -30.00 11.13 4.47
N TYR A 293 -30.53 10.30 5.35
CA TYR A 293 -30.49 8.88 5.13
C TYR A 293 -31.60 8.23 5.92
N GLU A 294 -32.35 7.34 5.29
CA GLU A 294 -33.45 6.63 5.95
C GLU A 294 -33.48 5.19 5.44
N THR A 295 -34.00 4.27 6.24
CA THR A 295 -34.05 2.87 5.87
C THR A 295 -35.46 2.31 6.06
N PHE A 296 -35.83 1.28 5.30
CA PHE A 296 -37.14 0.67 5.42
C PHE A 296 -37.27 -0.65 4.65
N LYS A 297 -38.27 -1.44 5.03
CA LYS A 297 -38.59 -2.69 4.35
C LYS A 297 -39.71 -2.36 3.38
N VAL A 298 -39.71 -3.03 2.24
CA VAL A 298 -40.74 -2.78 1.23
C VAL A 298 -41.40 -4.14 1.07
N ILE A 299 -42.62 -4.24 1.55
CA ILE A 299 -43.39 -5.48 1.50
C ILE A 299 -43.46 -5.93 0.04
N GLY A 300 -42.97 -7.14 -0.24
CA GLY A 300 -42.99 -7.63 -1.61
C GLY A 300 -41.99 -6.97 -2.55
N GLY A 301 -41.08 -6.14 -2.02
CA GLY A 301 -40.10 -5.46 -2.85
C GLY A 301 -39.06 -6.28 -3.63
N TRP A 302 -38.99 -7.58 -3.39
CA TRP A 302 -38.02 -8.41 -4.09
C TRP A 302 -38.72 -9.20 -5.23
N SER A 303 -39.77 -9.93 -4.86
CA SER A 303 -40.49 -10.74 -5.82
C SER A 303 -41.44 -9.99 -6.76
N THR A 304 -42.25 -9.09 -6.24
CA THR A 304 -43.17 -8.35 -7.10
C THR A 304 -42.61 -7.07 -7.70
N PRO A 305 -42.84 -6.86 -9.02
CA PRO A 305 -42.36 -5.66 -9.71
C PRO A 305 -43.15 -4.41 -9.36
N ASN A 306 -42.41 -3.31 -9.27
CA ASN A 306 -42.99 -2.01 -8.97
C ASN A 306 -43.64 -1.88 -7.60
N SER A 307 -43.16 -2.68 -6.65
CA SER A 307 -43.67 -2.66 -5.27
C SER A 307 -43.34 -1.33 -4.54
N LYS A 308 -44.36 -0.62 -4.10
CA LYS A 308 -44.15 0.64 -3.40
C LYS A 308 -44.55 0.60 -1.91
N SER A 309 -45.25 -0.46 -1.51
CA SER A 309 -45.70 -0.64 -0.13
C SER A 309 -44.53 -0.78 0.85
N GLN A 310 -44.30 0.26 1.67
CA GLN A 310 -43.20 0.25 2.63
C GLN A 310 -43.63 0.26 4.10
N ILE A 311 -42.69 -0.08 4.99
CA ILE A 311 -42.92 -0.15 6.43
C ILE A 311 -41.59 -0.22 7.23
N ASN A 312 -41.67 -0.05 8.55
CA ASN A 312 -40.50 -0.08 9.43
C ASN A 312 -39.40 0.90 9.03
N ARG A 313 -39.78 2.17 8.86
CA ARG A 313 -38.85 3.22 8.46
C ARG A 313 -38.17 3.88 9.68
N GLN A 314 -36.90 4.23 9.49
CA GLN A 314 -36.07 4.87 10.51
C GLN A 314 -35.19 5.87 9.77
N VAL A 315 -35.00 7.07 10.32
CA VAL A 315 -34.11 8.05 9.69
C VAL A 315 -32.80 7.91 10.47
N ILE A 316 -31.68 7.78 9.75
CA ILE A 316 -30.38 7.67 10.39
C ILE A 316 -29.83 9.08 10.45
N VAL A 317 -29.82 9.74 9.29
CA VAL A 317 -29.37 11.12 9.18
C VAL A 317 -30.62 11.94 8.72
N ASP A 318 -30.93 13.02 9.43
CA ASP A 318 -32.10 13.84 9.10
C ASP A 318 -31.97 14.61 7.80
N SER A 319 -33.14 15.00 7.28
CA SER A 319 -33.30 15.74 6.02
C SER A 319 -32.28 16.85 5.78
N ASP A 320 -31.97 17.58 6.85
CA ASP A 320 -31.06 18.70 6.82
C ASP A 320 -29.54 18.42 6.84
N ASN A 321 -29.13 17.16 6.80
CA ASN A 321 -27.70 16.88 6.87
C ASN A 321 -27.11 16.07 5.72
N ARG A 322 -25.84 16.31 5.43
CA ARG A 322 -25.13 15.64 4.34
C ARG A 322 -24.71 14.20 4.64
N SER A 323 -24.83 13.34 3.63
CA SER A 323 -24.40 11.96 3.78
C SER A 323 -23.38 11.65 2.68
N GLY A 324 -23.51 10.51 2.00
CA GLY A 324 -22.58 10.15 0.93
C GLY A 324 -22.74 8.69 0.54
N TYR A 325 -21.63 7.99 0.32
CA TYR A 325 -21.64 6.56 -0.02
C TYR A 325 -22.20 5.70 1.13
N SER A 326 -22.43 4.42 0.83
CA SER A 326 -23.02 3.51 1.79
C SER A 326 -22.67 2.10 1.34
N GLY A 327 -22.55 1.20 2.31
CA GLY A 327 -22.21 -0.20 2.06
C GLY A 327 -22.80 -1.13 3.11
N ILE A 328 -22.66 -2.43 2.92
CA ILE A 328 -23.18 -3.39 3.88
C ILE A 328 -22.01 -4.27 4.29
N PHE A 329 -22.15 -4.89 5.45
CA PHE A 329 -21.15 -5.83 5.91
C PHE A 329 -21.86 -6.87 6.76
N SER A 330 -21.51 -8.12 6.51
CA SER A 330 -22.12 -9.23 7.19
C SER A 330 -21.27 -9.73 8.36
N VAL A 331 -21.92 -10.12 9.45
CA VAL A 331 -21.20 -10.59 10.63
C VAL A 331 -21.77 -11.94 11.10
N GLU A 332 -20.91 -12.91 11.40
CA GLU A 332 -21.40 -14.22 11.85
C GLU A 332 -21.74 -14.25 13.34
N GLY A 333 -22.94 -14.74 13.65
CA GLY A 333 -23.38 -14.81 15.03
C GLY A 333 -23.41 -16.25 15.52
N LYS A 334 -24.10 -16.49 16.62
CA LYS A 334 -24.17 -17.85 17.15
C LYS A 334 -25.10 -18.75 16.31
N SER A 335 -26.14 -18.18 15.69
CA SER A 335 -27.06 -19.01 14.91
C SER A 335 -27.45 -18.51 13.53
N CYS A 336 -27.16 -17.26 13.24
CA CYS A 336 -27.54 -16.68 11.96
C CYS A 336 -26.50 -15.63 11.58
N ILE A 337 -26.38 -15.33 10.29
CA ILE A 337 -25.43 -14.30 9.89
C ILE A 337 -26.22 -12.98 9.80
N ASN A 338 -25.70 -11.95 10.45
CA ASN A 338 -26.37 -10.64 10.52
C ASN A 338 -25.88 -9.57 9.57
N ARG A 339 -26.82 -8.77 9.08
CA ARG A 339 -26.52 -7.70 8.11
C ARG A 339 -26.41 -6.32 8.75
N CYS A 340 -25.31 -5.64 8.44
CA CYS A 340 -25.05 -4.30 8.95
C CYS A 340 -24.78 -3.30 7.82
N PHE A 341 -24.56 -2.03 8.16
CA PHE A 341 -24.30 -0.99 7.16
C PHE A 341 -23.66 0.24 7.75
N TYR A 342 -22.93 0.98 6.92
CA TYR A 342 -22.28 2.21 7.34
C TYR A 342 -22.74 3.30 6.40
N VAL A 343 -22.61 4.54 6.86
CA VAL A 343 -22.93 5.71 6.08
C VAL A 343 -21.74 6.65 6.13
N GLU A 344 -21.27 7.06 4.95
CA GLU A 344 -20.16 8.01 4.85
C GLU A 344 -20.78 9.42 4.85
N LEU A 345 -20.41 10.23 5.84
CA LEU A 345 -20.91 11.61 5.93
C LEU A 345 -19.82 12.59 5.47
N ILE A 346 -19.96 13.07 4.23
CA ILE A 346 -18.97 13.98 3.66
C ILE A 346 -19.23 15.45 3.95
N ARG A 347 -18.13 16.17 4.21
CA ARG A 347 -18.19 17.59 4.55
C ARG A 347 -17.13 18.37 3.79
N GLY A 348 -17.43 19.63 3.46
CA GLY A 348 -16.46 20.42 2.76
C GLY A 348 -16.72 20.75 1.32
N ARG A 349 -15.62 21.07 0.65
CA ARG A 349 -15.61 21.53 -0.72
C ARG A 349 -16.53 20.95 -1.77
N LYS A 350 -16.88 21.86 -2.68
CA LYS A 350 -17.76 21.69 -3.81
C LYS A 350 -19.22 21.76 -3.41
N GLN A 351 -19.46 21.90 -2.11
CA GLN A 351 -20.81 21.95 -1.59
C GLN A 351 -20.88 22.92 -0.42
N GLU A 352 -19.83 22.93 0.40
CA GLU A 352 -19.69 23.83 1.54
C GLU A 352 -18.40 24.56 1.18
N THR A 353 -18.52 25.83 0.81
CA THR A 353 -17.39 26.56 0.32
C THR A 353 -16.53 27.39 1.24
N ARG A 354 -16.71 27.26 2.54
CA ARG A 354 -15.87 28.04 3.45
C ARG A 354 -14.47 27.46 3.45
N VAL A 355 -14.41 26.14 3.40
CA VAL A 355 -13.14 25.43 3.44
C VAL A 355 -12.69 24.99 2.05
N TRP A 356 -11.42 24.64 1.92
CA TRP A 356 -10.90 24.25 0.63
C TRP A 356 -10.62 22.78 0.52
N TRP A 357 -11.08 22.04 1.53
CA TRP A 357 -10.86 20.59 1.62
C TRP A 357 -12.13 19.75 1.51
N THR A 358 -11.94 18.43 1.52
CA THR A 358 -13.00 17.43 1.45
C THR A 358 -12.57 16.22 2.28
N SER A 359 -13.44 15.72 3.13
CA SER A 359 -13.08 14.60 3.99
C SER A 359 -14.42 14.00 4.37
N ASN A 360 -14.45 13.14 5.37
CA ASN A 360 -15.72 12.55 5.76
C ASN A 360 -15.70 11.88 7.13
N SER A 361 -16.89 11.58 7.61
CA SER A 361 -17.11 10.91 8.89
C SER A 361 -17.96 9.66 8.57
N ILE A 362 -18.15 8.78 9.55
CA ILE A 362 -18.94 7.56 9.35
C ILE A 362 -19.86 7.26 10.53
N VAL A 363 -20.92 6.48 10.29
CA VAL A 363 -21.85 6.04 11.33
C VAL A 363 -22.23 4.67 10.84
N VAL A 364 -22.37 3.69 11.74
CA VAL A 364 -22.73 2.36 11.31
C VAL A 364 -23.78 1.75 12.24
N PHE A 365 -24.76 1.08 11.63
CA PHE A 365 -25.86 0.44 12.35
C PHE A 365 -25.90 -1.05 12.00
N CYS A 366 -26.34 -1.86 12.94
CA CYS A 366 -26.46 -3.30 12.70
C CYS A 366 -27.87 -3.75 12.91
N GLY A 367 -28.30 -4.76 12.16
CA GLY A 367 -29.66 -5.25 12.31
C GLY A 367 -29.97 -5.81 13.69
N THR A 368 -31.22 -5.74 14.07
CA THR A 368 -31.61 -6.27 15.36
C THR A 368 -32.98 -6.95 15.24
N SER A 369 -33.31 -7.74 16.26
CA SER A 369 -34.59 -8.44 16.30
C SER A 369 -35.34 -7.98 17.53
N GLY A 370 -34.76 -7.03 18.25
CA GLY A 370 -35.38 -6.52 19.45
C GLY A 370 -36.16 -5.26 19.17
N THR A 371 -36.18 -4.34 20.14
CA THR A 371 -36.91 -3.11 19.91
C THR A 371 -35.92 -1.94 19.91
N TYR A 372 -36.33 -0.81 19.34
CA TYR A 372 -35.49 0.37 19.24
C TYR A 372 -36.35 1.65 19.17
N GLY A 373 -35.69 2.79 18.90
CA GLY A 373 -36.40 4.06 18.85
C GLY A 373 -36.23 4.91 17.62
N THR A 374 -35.86 6.17 17.84
CA THR A 374 -35.65 7.15 16.77
C THR A 374 -34.54 8.15 17.15
N GLY A 375 -34.06 8.91 16.17
CA GLY A 375 -33.02 9.88 16.45
C GLY A 375 -32.35 10.26 15.15
N SER A 376 -31.20 10.90 15.22
CA SER A 376 -30.48 11.29 14.01
C SER A 376 -29.03 11.39 14.44
N TRP A 377 -28.11 10.83 13.66
CA TRP A 377 -26.69 10.87 14.03
C TRP A 377 -25.84 11.35 12.88
N PRO A 378 -25.74 12.68 12.68
CA PRO A 378 -24.91 13.15 11.56
C PRO A 378 -23.48 13.46 11.98
N ASP A 379 -22.67 13.93 11.03
CA ASP A 379 -21.28 14.29 11.28
C ASP A 379 -21.17 15.09 12.58
N GLY A 380 -21.80 16.26 12.59
CA GLY A 380 -21.83 17.10 13.77
C GLY A 380 -20.80 18.22 13.88
N ALA A 381 -20.05 18.49 12.82
CA ALA A 381 -19.06 19.55 12.89
C ALA A 381 -19.62 20.91 12.47
N ASN A 382 -19.17 21.94 13.16
CA ASN A 382 -19.58 23.30 12.85
C ASN A 382 -18.60 23.77 11.77
N ILE A 383 -19.09 23.83 10.53
CA ILE A 383 -18.26 24.27 9.39
C ILE A 383 -17.57 25.59 9.71
N ASN A 384 -18.15 26.37 10.62
CA ASN A 384 -17.55 27.65 10.98
C ASN A 384 -16.35 27.49 11.90
N PHE A 385 -16.28 26.40 12.66
CA PHE A 385 -15.16 26.16 13.57
C PHE A 385 -13.95 25.70 12.79
N MET A 386 -12.81 26.20 13.21
CA MET A 386 -11.48 26.00 12.62
C MET A 386 -11.14 25.32 11.25
N PRO A 387 -9.85 24.95 11.00
CA PRO A 387 -9.51 24.36 9.71
C PRO A 387 -10.00 24.91 8.34
N ILE A 388 -9.23 25.85 7.83
CA ILE A 388 -9.38 26.48 6.51
C ILE A 388 -10.40 27.60 6.20
N VAL B 1 9.36 -21.90 15.94
CA VAL B 1 9.81 -21.73 14.53
C VAL B 1 11.22 -22.28 14.47
N GLU B 2 11.70 -22.53 13.26
CA GLU B 2 13.05 -23.00 13.05
C GLU B 2 13.74 -21.90 12.23
N TYR B 3 15.02 -22.08 11.95
CA TYR B 3 15.80 -21.13 11.20
C TYR B 3 15.43 -21.04 9.72
N ARG B 4 15.45 -19.82 9.16
CA ARG B 4 15.17 -19.59 7.74
C ARG B 4 16.32 -20.16 6.91
N ASN B 5 16.01 -20.85 5.81
CA ASN B 5 17.05 -21.40 4.95
C ASN B 5 16.98 -20.91 3.53
N TRP B 6 15.89 -20.20 3.19
CA TRP B 6 15.68 -19.66 1.84
C TRP B 6 15.90 -20.70 0.71
N SER B 7 15.33 -21.89 0.91
CA SER B 7 15.44 -22.98 -0.04
C SER B 7 14.24 -23.11 -0.95
N LYS B 8 14.15 -22.24 -1.94
CA LYS B 8 13.07 -22.26 -2.92
C LYS B 8 13.61 -21.48 -4.07
N PRO B 9 13.20 -21.81 -5.30
CA PRO B 9 13.73 -21.03 -6.42
C PRO B 9 13.25 -19.58 -6.38
N GLN B 10 13.83 -18.77 -7.25
CA GLN B 10 13.43 -17.38 -7.33
C GLN B 10 12.17 -17.39 -8.18
N CYS B 11 11.24 -16.48 -7.91
CA CYS B 11 10.04 -16.38 -8.71
C CYS B 11 10.45 -15.78 -10.03
N GLN B 12 9.78 -16.20 -11.11
CA GLN B 12 10.06 -15.68 -12.46
C GLN B 12 9.16 -14.43 -12.62
N ILE B 13 9.75 -13.25 -12.81
CA ILE B 13 8.90 -12.07 -12.91
C ILE B 13 8.71 -11.39 -14.27
N THR B 14 7.69 -10.53 -14.35
CA THR B 14 7.43 -9.81 -15.58
C THR B 14 7.75 -8.32 -15.37
N GLY B 15 7.71 -7.90 -14.11
CA GLY B 15 7.99 -6.53 -13.76
C GLY B 15 7.65 -6.36 -12.30
N PHE B 16 7.26 -5.16 -11.90
CA PHE B 16 6.95 -4.90 -10.50
C PHE B 16 5.59 -4.26 -10.33
N ALA B 17 5.04 -4.39 -9.12
CA ALA B 17 3.74 -3.85 -8.75
C ALA B 17 3.80 -2.96 -7.47
N PRO B 18 2.98 -1.90 -7.42
CA PRO B 18 2.96 -0.99 -6.26
C PRO B 18 2.67 -1.73 -4.96
N PHE B 19 3.48 -1.45 -3.92
CA PHE B 19 3.28 -2.12 -2.64
C PHE B 19 2.92 -1.16 -1.50
N SER B 20 3.81 -0.21 -1.20
CA SER B 20 3.56 0.71 -0.11
C SER B 20 4.17 2.10 -0.33
N LYS B 21 3.64 3.06 0.40
CA LYS B 21 4.08 4.46 0.34
C LYS B 21 3.74 5.02 1.69
N ASP B 22 4.68 5.70 2.34
CA ASP B 22 4.39 6.25 3.65
C ASP B 22 3.95 7.72 3.68
N ASN B 23 4.28 8.50 2.64
CA ASN B 23 3.89 9.92 2.58
C ASN B 23 4.38 10.77 3.78
N SER B 24 5.52 10.39 4.37
CA SER B 24 6.05 11.11 5.54
C SER B 24 6.06 12.65 5.47
N ILE B 25 6.69 13.19 4.42
CA ILE B 25 6.79 14.64 4.23
C ILE B 25 5.48 15.44 4.13
N ARG B 26 4.53 15.03 3.29
CA ARG B 26 3.24 15.75 3.22
C ARG B 26 2.65 15.84 4.64
N LEU B 27 2.76 14.73 5.38
CA LEU B 27 2.27 14.62 6.74
C LEU B 27 3.04 15.54 7.71
N SER B 28 4.34 15.71 7.50
CA SER B 28 5.17 16.57 8.36
C SER B 28 4.68 18.03 8.43
N ALA B 29 3.99 18.45 7.38
CA ALA B 29 3.48 19.80 7.27
C ALA B 29 2.34 20.04 8.23
N GLY B 30 1.85 18.98 8.88
CA GLY B 30 0.76 19.12 9.81
C GLY B 30 0.70 17.87 10.64
N GLY B 31 1.73 17.67 11.47
CA GLY B 31 1.84 16.51 12.34
C GLY B 31 3.26 16.36 12.83
N ASP B 32 3.43 15.74 13.99
CA ASP B 32 4.77 15.54 14.54
C ASP B 32 5.43 14.26 13.96
N ILE B 33 6.23 14.45 12.91
CA ILE B 33 6.88 13.34 12.24
C ILE B 33 8.40 13.51 12.26
N TRP B 34 9.12 12.40 12.44
CA TRP B 34 10.59 12.37 12.50
C TRP B 34 11.35 12.80 11.24
N VAL B 35 12.59 13.26 11.44
CA VAL B 35 13.43 13.63 10.32
C VAL B 35 14.31 12.40 10.06
N THR B 36 14.26 11.86 8.83
CA THR B 36 14.99 10.63 8.50
C THR B 36 15.88 10.68 7.25
N ARG B 37 16.63 9.60 7.03
CA ARG B 37 17.47 9.41 5.86
C ARG B 37 17.93 7.97 5.95
N GLU B 38 18.37 7.44 4.81
CA GLU B 38 18.83 6.06 4.70
C GLU B 38 17.80 5.06 5.25
N PRO B 39 16.63 4.93 4.58
CA PRO B 39 15.60 3.99 5.04
C PRO B 39 15.79 2.65 4.37
N TYR B 40 15.05 1.65 4.84
CA TYR B 40 15.06 0.30 4.25
C TYR B 40 13.93 -0.54 4.82
N VAL B 41 13.80 -1.77 4.35
CA VAL B 41 12.73 -2.63 4.84
C VAL B 41 13.11 -4.09 4.91
N SER B 42 12.54 -4.77 5.89
CA SER B 42 12.75 -6.18 6.05
C SER B 42 11.44 -6.78 6.48
N CYS B 43 11.32 -8.09 6.38
CA CYS B 43 10.09 -8.77 6.76
C CYS B 43 10.46 -10.03 7.53
N ASP B 44 9.82 -10.22 8.68
CA ASP B 44 10.06 -11.44 9.43
C ASP B 44 9.09 -12.43 8.77
N PRO B 45 8.99 -13.66 9.26
CA PRO B 45 8.07 -14.60 8.63
C PRO B 45 6.63 -14.15 8.35
N VAL B 46 6.08 -13.23 9.14
CA VAL B 46 4.70 -12.77 8.94
C VAL B 46 4.45 -11.37 8.36
N LYS B 47 5.28 -10.41 8.71
CA LYS B 47 5.06 -9.08 8.20
C LYS B 47 6.33 -8.26 7.97
N CYS B 48 6.21 -7.21 7.15
CA CYS B 48 7.34 -6.32 6.84
C CYS B 48 7.37 -5.12 7.76
N TYR B 49 8.57 -4.62 8.06
CA TYR B 49 8.74 -3.43 8.91
C TYR B 49 9.66 -2.46 8.15
N GLN B 50 9.41 -1.17 8.28
CA GLN B 50 10.22 -0.15 7.65
C GLN B 50 11.14 0.46 8.70
N PHE B 51 12.39 0.72 8.30
CA PHE B 51 13.40 1.29 9.19
C PHE B 51 13.98 2.55 8.55
N ALA B 52 14.75 3.29 9.33
CA ALA B 52 15.43 4.51 8.90
C ALA B 52 16.21 4.99 10.11
N LEU B 53 17.27 5.75 9.85
CA LEU B 53 18.10 6.33 10.91
C LEU B 53 17.51 7.74 11.18
N GLY B 54 16.90 7.94 12.34
CA GLY B 54 16.34 9.25 12.63
C GLY B 54 17.42 10.30 12.83
N GLN B 55 17.01 11.54 13.11
CA GLN B 55 17.96 12.64 13.33
C GLN B 55 17.80 13.25 14.71
N GLY B 56 17.06 12.55 15.58
CA GLY B 56 16.84 13.00 16.95
C GLY B 56 15.92 14.18 17.16
N THR B 57 15.05 14.44 16.19
CA THR B 57 14.13 15.56 16.27
C THR B 57 12.95 15.32 15.32
N THR B 58 11.93 16.16 15.47
CA THR B 58 10.74 16.18 14.62
C THR B 58 11.11 17.19 13.52
N LEU B 59 10.42 17.13 12.38
CA LEU B 59 10.71 18.03 11.26
C LEU B 59 10.38 19.47 11.60
N ASP B 60 9.18 19.69 12.14
CA ASP B 60 8.75 21.01 12.52
C ASP B 60 9.33 21.23 13.92
N ASN B 61 10.66 21.33 13.97
CA ASN B 61 11.38 21.49 15.23
C ASN B 61 12.58 22.36 14.91
N LYS B 62 12.93 23.31 15.77
CA LYS B 62 14.10 24.15 15.48
C LYS B 62 15.34 23.25 15.36
N HIS B 63 15.33 22.11 16.04
CA HIS B 63 16.46 21.18 15.98
C HIS B 63 16.67 20.49 14.63
N SER B 64 15.75 20.66 13.67
CA SER B 64 15.91 20.03 12.37
C SER B 64 16.89 20.79 11.45
N ASN B 65 17.20 22.03 11.81
CA ASN B 65 18.13 22.85 11.05
C ASN B 65 19.51 22.21 10.92
N ASP B 66 20.00 22.18 9.68
CA ASP B 66 21.31 21.65 9.33
C ASP B 66 21.46 20.12 9.45
N THR B 67 20.37 19.47 9.10
CA THR B 67 20.21 18.03 9.09
C THR B 67 20.95 17.30 7.92
N VAL B 68 21.64 18.03 7.04
CA VAL B 68 22.35 17.42 5.91
C VAL B 68 23.42 16.45 6.40
N HIS B 69 24.06 16.80 7.50
CA HIS B 69 25.12 15.96 8.10
C HIS B 69 24.73 14.50 8.41
N ASP B 70 25.51 13.59 7.84
CA ASP B 70 25.28 12.17 7.99
C ASP B 70 25.56 11.57 9.38
N ARG B 71 26.41 12.20 10.18
CA ARG B 71 26.78 11.59 11.47
C ARG B 71 26.88 12.42 12.77
N ILE B 72 25.88 12.30 13.65
CA ILE B 72 25.85 12.98 14.95
C ILE B 72 25.51 11.90 15.97
N PRO B 73 25.80 12.11 17.28
CA PRO B 73 25.51 11.11 18.34
C PRO B 73 24.02 10.90 18.65
N HIS B 74 23.14 11.60 17.94
CA HIS B 74 21.72 11.50 18.21
C HIS B 74 20.89 10.63 17.24
N ARG B 75 21.53 10.17 16.15
CA ARG B 75 20.84 9.30 15.19
C ARG B 75 20.70 7.90 15.84
N THR B 76 19.49 7.37 15.76
CA THR B 76 19.17 6.06 16.29
C THR B 76 18.26 5.46 15.22
N LEU B 77 18.19 4.13 15.20
CA LEU B 77 17.40 3.34 14.23
C LEU B 77 15.95 3.23 14.72
N LEU B 78 15.01 3.47 13.81
CA LEU B 78 13.60 3.41 14.16
C LEU B 78 12.94 2.31 13.36
N MET B 79 12.04 1.56 14.02
CA MET B 79 11.32 0.48 13.38
C MET B 79 9.80 0.57 13.57
N ASN B 80 9.06 0.45 12.46
CA ASN B 80 7.57 0.47 12.43
C ASN B 80 7.00 -0.54 11.41
N GLU B 81 5.73 -0.89 11.55
CA GLU B 81 5.10 -1.79 10.60
C GLU B 81 5.07 -1.03 9.28
N LEU B 82 5.47 -1.67 8.20
CA LEU B 82 5.51 -1.03 6.90
C LEU B 82 4.19 -0.34 6.56
N GLY B 83 4.21 0.98 6.45
CA GLY B 83 2.99 1.67 6.11
C GLY B 83 2.47 2.63 7.16
N VAL B 84 2.92 2.49 8.40
CA VAL B 84 2.53 3.43 9.46
C VAL B 84 3.73 4.41 9.54
N PRO B 85 3.47 5.73 9.42
CA PRO B 85 4.53 6.73 9.47
C PRO B 85 5.28 6.91 10.79
N PHE B 86 6.49 7.44 10.69
CA PHE B 86 7.33 7.68 11.86
C PHE B 86 6.81 8.76 12.79
N HIS B 87 5.85 8.38 13.62
CA HIS B 87 5.23 9.29 14.59
C HIS B 87 5.97 9.20 15.94
N LEU B 88 5.58 10.02 16.91
CA LEU B 88 6.25 10.01 18.21
C LEU B 88 6.23 8.70 18.96
N GLY B 89 5.26 7.85 18.65
CA GLY B 89 5.18 6.55 19.32
C GLY B 89 6.18 5.57 18.73
N THR B 90 6.85 5.98 17.66
CA THR B 90 7.81 5.07 17.03
C THR B 90 8.94 4.61 17.98
N ARG B 91 9.48 3.42 17.73
CA ARG B 91 10.51 2.85 18.58
C ARG B 91 11.96 3.01 18.11
N GLN B 92 12.80 3.58 18.96
CA GLN B 92 14.23 3.73 18.63
C GLN B 92 14.94 2.46 19.17
N VAL B 93 15.16 1.49 18.30
CA VAL B 93 15.77 0.23 18.71
C VAL B 93 17.26 0.27 19.11
N CYS B 94 17.99 1.33 18.75
CA CYS B 94 19.41 1.45 19.12
C CYS B 94 20.01 2.79 18.69
N ILE B 95 21.23 3.08 19.17
CA ILE B 95 21.98 4.29 18.79
C ILE B 95 22.79 3.90 17.52
N ALA B 96 22.58 4.58 16.41
CA ALA B 96 23.30 4.22 15.21
C ALA B 96 23.32 5.30 14.12
N TRP B 97 24.48 5.57 13.51
CA TRP B 97 24.47 6.50 12.38
C TRP B 97 24.65 5.72 11.07
N SER B 98 24.65 4.39 11.18
CA SER B 98 24.79 3.46 10.06
C SER B 98 24.31 2.10 10.63
N SER B 99 23.52 1.35 9.86
CA SER B 99 22.97 0.07 10.31
C SER B 99 22.64 -0.99 9.23
N SER B 100 22.16 -2.14 9.69
CA SER B 100 21.70 -3.23 8.85
C SER B 100 20.85 -4.05 9.82
N SER B 101 19.84 -4.75 9.31
CA SER B 101 18.98 -5.52 10.18
C SER B 101 18.40 -6.71 9.46
N CYS B 102 18.26 -7.81 10.17
CA CYS B 102 17.70 -9.04 9.62
C CYS B 102 17.18 -10.01 10.64
N HIS B 103 16.24 -10.83 10.19
CA HIS B 103 15.59 -11.81 11.00
C HIS B 103 16.05 -13.22 10.55
N ASP B 104 16.73 -13.96 11.44
CA ASP B 104 17.20 -15.31 11.12
C ASP B 104 16.12 -16.41 11.03
N GLY B 105 14.95 -16.10 11.58
CA GLY B 105 13.83 -17.02 11.60
C GLY B 105 13.30 -17.07 13.01
N LYS B 106 14.23 -17.00 13.95
CA LYS B 106 13.94 -17.03 15.38
C LYS B 106 13.72 -15.63 15.96
N ALA B 107 14.41 -14.63 15.43
CA ALA B 107 14.30 -13.25 15.94
C ALA B 107 15.07 -12.26 15.08
N TRP B 108 15.20 -11.02 15.56
CA TRP B 108 15.91 -9.93 14.89
C TRP B 108 17.35 -9.68 15.34
N LEU B 109 18.18 -9.35 14.37
CA LEU B 109 19.60 -9.03 14.54
C LEU B 109 19.76 -7.59 14.06
N HIS B 110 20.18 -6.70 14.95
CA HIS B 110 20.39 -5.29 14.62
C HIS B 110 21.86 -4.92 14.72
N VAL B 111 22.46 -4.44 13.64
CA VAL B 111 23.85 -4.02 13.73
C VAL B 111 23.87 -2.49 13.55
N CYS B 112 24.12 -1.82 14.67
CA CYS B 112 24.15 -0.39 14.78
C CYS B 112 25.59 0.13 15.03
N ILE B 113 26.03 1.14 14.26
CA ILE B 113 27.39 1.70 14.40
C ILE B 113 27.40 3.19 14.85
N THR B 114 28.26 3.56 15.80
CA THR B 114 28.28 4.94 16.28
C THR B 114 29.56 5.31 17.01
N GLY B 115 29.70 6.61 17.28
CA GLY B 115 30.87 7.13 17.99
C GLY B 115 31.71 8.00 17.11
N ASP B 116 32.95 8.25 17.50
CA ASP B 116 33.87 9.10 16.76
C ASP B 116 34.30 8.45 15.43
N ASP B 117 34.26 9.21 14.33
CA ASP B 117 34.65 8.71 13.00
C ASP B 117 35.95 7.94 12.94
N LYS B 118 36.91 8.33 13.77
CA LYS B 118 38.21 7.66 13.76
C LYS B 118 38.25 6.50 14.74
N ASN B 119 37.21 6.34 15.55
CA ASN B 119 37.22 5.24 16.48
C ASN B 119 35.84 4.75 16.87
N ALA B 120 35.06 4.39 15.85
CA ALA B 120 33.68 3.90 16.04
C ALA B 120 33.52 2.49 16.63
N THR B 121 32.33 2.25 17.18
CA THR B 121 31.95 0.99 17.79
C THR B 121 30.65 0.52 17.17
N ALA B 122 30.60 -0.74 16.75
CA ALA B 122 29.40 -1.34 16.15
C ALA B 122 28.81 -2.40 17.08
N SER B 123 27.54 -2.22 17.46
CA SER B 123 26.85 -3.16 18.35
C SER B 123 25.94 -4.15 17.65
N PHE B 124 25.97 -5.37 18.19
CA PHE B 124 25.18 -6.49 17.71
C PHE B 124 24.19 -6.81 18.81
N ILE B 125 22.93 -6.52 18.51
CA ILE B 125 21.86 -6.74 19.45
C ILE B 125 20.98 -7.82 18.86
N TYR B 126 20.97 -8.98 19.52
CA TYR B 126 20.16 -10.11 19.08
C TYR B 126 19.08 -10.32 20.12
N ASP B 127 17.90 -10.74 19.66
CA ASP B 127 16.74 -10.97 20.52
C ASP B 127 16.61 -9.98 21.66
N GLY B 128 16.68 -8.70 21.34
CA GLY B 128 16.51 -7.64 22.32
C GLY B 128 17.64 -7.32 23.27
N ARG B 129 18.78 -8.02 23.14
CA ARG B 129 19.93 -7.83 24.04
C ARG B 129 21.27 -7.57 23.34
N LEU B 130 22.22 -6.93 24.04
CA LEU B 130 23.54 -6.71 23.45
C LEU B 130 24.37 -7.98 23.70
N VAL B 131 24.78 -8.61 22.60
CA VAL B 131 25.53 -9.87 22.67
C VAL B 131 27.02 -9.80 22.35
N ASP B 132 27.42 -8.82 21.52
CA ASP B 132 28.82 -8.67 21.10
C ASP B 132 29.00 -7.24 20.60
N SER B 133 30.23 -6.87 20.24
CA SER B 133 30.52 -5.54 19.70
C SER B 133 31.93 -5.56 19.10
N ILE B 134 32.21 -4.63 18.18
CA ILE B 134 33.51 -4.55 17.54
C ILE B 134 33.95 -3.09 17.32
N GLY B 135 35.24 -2.83 17.42
CA GLY B 135 35.73 -1.49 17.22
C GLY B 135 36.35 -1.33 15.83
N SER B 136 36.41 -0.08 15.36
CA SER B 136 37.00 0.28 14.08
C SER B 136 38.40 -0.30 13.83
N TRP B 137 38.61 -0.80 12.61
CA TRP B 137 39.88 -1.38 12.23
C TRP B 137 40.80 -0.51 11.35
N SER B 138 40.28 0.52 10.70
CA SER B 138 41.12 1.39 9.89
C SER B 138 41.03 2.84 10.38
N GLN B 139 40.28 3.04 11.46
CA GLN B 139 40.09 4.37 12.05
C GLN B 139 39.54 5.43 11.12
N ASN B 140 38.89 5.03 10.03
CA ASN B 140 38.32 6.01 9.12
C ASN B 140 36.93 5.63 8.69
N ILE B 141 35.96 6.02 9.51
CA ILE B 141 34.54 5.76 9.31
C ILE B 141 34.14 4.30 9.03
N LEU B 142 33.93 3.54 10.11
CA LEU B 142 33.49 2.14 9.99
C LEU B 142 32.03 2.24 9.54
N ARG B 143 31.68 1.50 8.49
CA ARG B 143 30.33 1.56 7.94
C ARG B 143 29.79 0.23 7.39
N THR B 144 28.50 0.20 7.06
CA THR B 144 27.86 -1.01 6.58
C THR B 144 26.71 -0.73 5.57
N GLN B 145 25.94 -1.77 5.26
CA GLN B 145 24.87 -1.76 4.25
C GLN B 145 23.76 -0.71 4.20
N GLU B 146 23.15 -0.37 5.33
CA GLU B 146 22.03 0.59 5.33
C GLU B 146 20.81 -0.10 4.71
N SER B 147 20.72 -1.41 4.90
CA SER B 147 19.61 -2.24 4.43
C SER B 147 19.81 -3.63 5.04
N GLU B 148 18.81 -4.50 4.93
CA GLU B 148 18.85 -5.84 5.51
C GLU B 148 20.05 -6.74 5.22
N CYS B 149 20.40 -7.49 6.26
CA CYS B 149 21.47 -8.48 6.16
C CYS B 149 20.66 -9.76 5.92
N VAL B 150 21.32 -10.90 5.71
CA VAL B 150 20.56 -12.11 5.49
C VAL B 150 21.14 -13.27 6.27
N CYS B 151 20.26 -14.16 6.67
CA CYS B 151 20.63 -15.33 7.42
C CYS B 151 20.16 -16.60 6.73
N ILE B 152 20.97 -17.63 6.84
CA ILE B 152 20.66 -18.94 6.29
C ILE B 152 21.10 -19.89 7.39
N ASN B 153 20.22 -20.82 7.75
CA ASN B 153 20.50 -21.80 8.78
C ASN B 153 21.02 -21.19 10.09
N GLY B 154 20.50 -20.01 10.44
CA GLY B 154 20.88 -19.33 11.67
C GLY B 154 22.19 -18.56 11.69
N THR B 155 22.79 -18.33 10.53
CA THR B 155 24.03 -17.56 10.42
C THR B 155 23.66 -16.39 9.50
N CYS B 156 23.90 -15.18 9.97
CA CYS B 156 23.56 -13.95 9.23
C CYS B 156 24.83 -13.29 8.75
N THR B 157 24.82 -12.81 7.50
CA THR B 157 25.96 -12.10 6.92
C THR B 157 25.79 -10.59 6.91
N VAL B 158 26.91 -9.89 7.07
CA VAL B 158 26.92 -8.45 7.03
C VAL B 158 28.28 -8.01 6.51
N VAL B 159 28.29 -7.05 5.57
CA VAL B 159 29.57 -6.55 5.05
C VAL B 159 29.82 -5.10 5.48
N MET B 160 30.99 -4.89 6.11
CA MET B 160 31.37 -3.57 6.62
C MET B 160 32.61 -3.08 5.92
N THR B 161 32.82 -1.77 5.94
CA THR B 161 33.97 -1.19 5.30
C THR B 161 34.54 -0.15 6.24
N ASP B 162 35.86 0.03 6.19
CA ASP B 162 36.52 1.02 7.02
C ASP B 162 37.64 1.56 6.14
N GLY B 163 37.86 2.87 6.19
CA GLY B 163 38.90 3.49 5.39
C GLY B 163 38.46 4.58 4.42
N SER B 164 39.27 4.76 3.37
CA SER B 164 39.06 5.77 2.36
C SER B 164 37.73 5.74 1.59
N ALA B 165 37.06 6.89 1.60
CA ALA B 165 35.79 7.05 0.90
C ALA B 165 36.05 7.22 -0.58
N SER B 166 37.32 7.31 -0.95
CA SER B 166 37.73 7.45 -2.34
C SER B 166 39.16 6.95 -2.56
N GLY B 167 39.43 5.78 -1.98
CA GLY B 167 40.73 5.14 -2.09
C GLY B 167 40.65 3.73 -1.51
N ARG B 168 41.75 2.99 -1.51
CA ARG B 168 41.78 1.64 -0.97
C ARG B 168 41.18 1.65 0.45
N ALA B 169 40.23 0.76 0.69
CA ALA B 169 39.60 0.68 1.99
C ALA B 169 39.83 -0.75 2.52
N ASP B 170 39.16 -1.11 3.61
CA ASP B 170 39.31 -2.43 4.19
C ASP B 170 37.89 -2.96 4.38
N THR B 171 37.46 -3.78 3.42
CA THR B 171 36.13 -4.36 3.46
C THR B 171 36.16 -5.78 4.00
N ARG B 172 35.21 -6.07 4.88
CA ARG B 172 35.12 -7.39 5.52
C ARG B 172 33.68 -7.90 5.63
N ILE B 173 33.54 -9.22 5.61
CA ILE B 173 32.26 -9.89 5.70
C ILE B 173 32.23 -10.60 7.07
N LEU B 174 31.23 -10.29 7.88
CA LEU B 174 31.07 -10.84 9.21
C LEU B 174 29.99 -11.90 9.28
N PHE B 175 30.27 -12.97 10.01
CA PHE B 175 29.33 -14.05 10.17
C PHE B 175 28.99 -14.05 11.64
N ILE B 176 27.71 -13.93 11.96
CA ILE B 176 27.31 -13.92 13.34
C ILE B 176 26.18 -14.90 13.57
N GLU B 177 26.25 -15.63 14.69
CA GLU B 177 25.23 -16.60 15.04
C GLU B 177 24.67 -16.23 16.40
N GLU B 178 23.37 -16.07 16.47
CA GLU B 178 22.69 -15.71 17.69
C GLU B 178 23.21 -14.44 18.33
N GLY B 179 23.69 -13.53 17.49
CA GLY B 179 24.21 -12.26 17.94
C GLY B 179 25.72 -12.25 18.13
N LYS B 180 26.35 -13.42 18.10
CA LYS B 180 27.79 -13.50 18.31
C LYS B 180 28.61 -13.67 17.02
N ILE B 181 29.67 -12.88 16.89
CA ILE B 181 30.58 -12.90 15.72
C ILE B 181 31.35 -14.21 15.70
N VAL B 182 31.03 -15.08 14.73
CA VAL B 182 31.69 -16.38 14.65
C VAL B 182 32.86 -16.49 13.68
N HIS B 183 32.96 -15.55 12.74
CA HIS B 183 34.07 -15.57 11.78
C HIS B 183 34.10 -14.24 11.01
N ILE B 184 35.28 -13.85 10.52
CA ILE B 184 35.46 -12.61 9.76
C ILE B 184 36.28 -12.84 8.49
N SER B 185 35.67 -12.64 7.33
CA SER B 185 36.35 -12.83 6.03
C SER B 185 36.73 -11.51 5.33
N PRO B 186 38.01 -11.33 4.98
CA PRO B 186 38.52 -10.13 4.30
C PRO B 186 38.22 -10.23 2.82
N LEU B 187 37.78 -9.14 2.20
CA LEU B 187 37.44 -9.10 0.78
C LEU B 187 38.53 -9.65 -0.15
N ALA B 188 38.09 -10.30 -1.24
CA ALA B 188 38.95 -10.90 -2.25
C ALA B 188 38.25 -10.83 -3.62
N GLY B 189 39.01 -10.97 -4.71
CA GLY B 189 38.41 -10.87 -6.03
C GLY B 189 38.87 -9.63 -6.78
N SER B 190 38.17 -9.29 -7.86
CA SER B 190 38.57 -8.15 -8.65
C SER B 190 37.94 -6.81 -8.29
N ALA B 191 36.91 -6.82 -7.44
CA ALA B 191 36.22 -5.60 -7.04
C ALA B 191 37.12 -4.57 -6.33
N GLN B 192 37.30 -3.43 -6.97
CA GLN B 192 38.17 -2.37 -6.46
C GLN B 192 37.75 -1.54 -5.26
N HIS B 193 36.45 -1.33 -5.08
CA HIS B 193 35.99 -0.55 -3.94
C HIS B 193 34.53 -0.88 -3.67
N VAL B 194 34.28 -1.46 -2.50
CA VAL B 194 32.94 -1.88 -2.09
C VAL B 194 32.32 -0.94 -1.07
N GLU B 195 31.04 -0.62 -1.25
CA GLU B 195 30.31 0.25 -0.32
C GLU B 195 28.83 -0.11 -0.31
N GLU B 196 28.13 0.34 0.74
CA GLU B 196 26.67 0.14 0.95
C GLU B 196 26.03 -1.05 0.25
N CYS B 197 26.53 -2.23 0.56
CA CYS B 197 26.06 -3.43 -0.11
C CYS B 197 24.59 -3.69 -0.21
N SER B 198 24.27 -4.41 -1.27
CA SER B 198 22.93 -4.76 -1.62
C SER B 198 22.74 -6.24 -1.73
N CYS B 199 22.58 -6.89 -0.58
CA CYS B 199 22.46 -8.33 -0.47
C CYS B 199 21.09 -9.03 -0.54
N TYR B 200 21.08 -10.24 -1.09
CA TYR B 200 19.88 -11.05 -1.23
C TYR B 200 20.22 -12.54 -1.27
N PRO B 201 19.41 -13.41 -0.62
CA PRO B 201 19.70 -14.86 -0.63
C PRO B 201 19.60 -15.49 -2.01
N ARG B 202 20.51 -16.42 -2.26
CA ARG B 202 20.58 -17.13 -3.53
C ARG B 202 21.19 -18.48 -3.12
N TYR B 203 20.44 -19.16 -2.25
CA TYR B 203 20.84 -20.43 -1.69
C TYR B 203 21.68 -21.28 -2.65
N PRO B 204 22.75 -21.90 -2.14
CA PRO B 204 23.22 -21.85 -0.76
C PRO B 204 24.12 -20.67 -0.37
N GLY B 205 24.14 -19.61 -1.19
CA GLY B 205 24.97 -18.47 -0.88
C GLY B 205 24.19 -17.16 -0.84
N VAL B 206 24.90 -16.07 -0.61
CA VAL B 206 24.31 -14.75 -0.54
C VAL B 206 25.03 -13.87 -1.59
N ARG B 207 24.29 -12.97 -2.24
CA ARG B 207 24.89 -12.12 -3.23
C ARG B 207 24.60 -10.64 -2.97
N CYS B 208 25.62 -9.81 -3.17
CA CYS B 208 25.48 -8.38 -2.97
C CYS B 208 25.91 -7.58 -4.19
N ILE B 209 25.10 -6.61 -4.56
CA ILE B 209 25.43 -5.72 -5.68
C ILE B 209 25.70 -4.39 -4.97
N CYS B 210 26.97 -4.07 -4.75
CA CYS B 210 27.32 -2.87 -4.00
C CYS B 210 27.58 -1.57 -4.79
N ARG B 211 28.14 -0.58 -4.10
CA ARG B 211 28.45 0.70 -4.71
C ARG B 211 29.95 0.94 -4.74
N ASP B 212 30.46 1.29 -5.92
CA ASP B 212 31.89 1.59 -6.08
C ASP B 212 31.96 3.12 -6.06
N ASN B 213 32.66 3.63 -5.05
CA ASN B 213 32.79 5.07 -4.85
C ASN B 213 34.11 5.73 -5.30
N TRP B 214 35.03 4.93 -5.78
CA TRP B 214 36.33 5.42 -6.18
C TRP B 214 36.53 5.43 -7.70
N LYS B 215 36.81 4.28 -8.31
CA LYS B 215 37.03 4.27 -9.76
C LYS B 215 35.92 3.71 -10.64
N GLY B 216 34.76 3.37 -10.08
CA GLY B 216 33.71 2.77 -10.91
C GLY B 216 32.31 3.36 -10.99
N SER B 217 31.73 3.21 -12.19
CA SER B 217 30.37 3.64 -12.53
C SER B 217 29.53 2.37 -12.64
N ASN B 218 30.20 1.27 -12.97
CA ASN B 218 29.58 -0.05 -13.04
C ASN B 218 29.52 -0.52 -11.57
N ARG B 219 28.69 -1.51 -11.25
CA ARG B 219 28.58 -1.96 -9.86
C ARG B 219 29.29 -3.25 -9.53
N PRO B 220 29.97 -3.33 -8.35
CA PRO B 220 30.67 -4.53 -7.90
C PRO B 220 29.71 -5.58 -7.33
N VAL B 221 30.12 -6.85 -7.46
CA VAL B 221 29.37 -8.01 -7.01
C VAL B 221 30.25 -8.66 -5.94
N VAL B 222 29.63 -9.19 -4.90
CA VAL B 222 30.37 -9.85 -3.83
C VAL B 222 29.63 -11.12 -3.47
N ASP B 223 30.17 -12.25 -3.90
CA ASP B 223 29.58 -13.54 -3.62
C ASP B 223 30.14 -14.13 -2.35
N ILE B 224 29.25 -14.51 -1.45
CA ILE B 224 29.62 -15.07 -0.16
C ILE B 224 29.18 -16.52 -0.05
N ASN B 225 30.16 -17.37 0.21
CA ASN B 225 29.92 -18.80 0.33
C ASN B 225 29.62 -19.07 1.78
N MET B 226 28.35 -19.35 2.07
CA MET B 226 27.96 -19.66 3.43
C MET B 226 28.70 -20.87 3.98
N GLU B 227 29.15 -21.77 3.11
CA GLU B 227 29.88 -22.97 3.57
C GLU B 227 31.26 -22.69 4.19
N ASP B 228 32.29 -22.51 3.35
CA ASP B 228 33.62 -22.27 3.85
C ASP B 228 33.96 -20.80 4.09
N TYR B 229 32.94 -19.94 4.09
CA TYR B 229 33.14 -18.52 4.29
C TYR B 229 34.04 -17.90 3.19
N SER B 230 33.97 -18.46 1.99
CA SER B 230 34.76 -17.98 0.86
C SER B 230 34.10 -16.75 0.23
N ILE B 231 34.89 -15.91 -0.42
CA ILE B 231 34.37 -14.69 -1.02
C ILE B 231 34.95 -14.38 -2.41
N ASP B 232 34.08 -14.16 -3.39
CA ASP B 232 34.49 -13.80 -4.75
C ASP B 232 33.86 -12.43 -5.03
N SER B 233 34.45 -11.66 -5.95
CA SER B 233 33.92 -10.34 -6.28
C SER B 233 34.27 -9.94 -7.72
N SER B 234 33.44 -9.11 -8.33
CA SER B 234 33.60 -8.63 -9.71
C SER B 234 32.69 -7.42 -9.93
N TYR B 235 32.41 -7.08 -11.19
CA TYR B 235 31.53 -5.95 -11.56
C TYR B 235 30.45 -6.47 -12.48
N VAL B 236 29.25 -5.92 -12.46
CA VAL B 236 28.21 -6.44 -13.37
C VAL B 236 28.64 -6.31 -14.84
N CYS B 237 28.14 -7.21 -15.69
CA CYS B 237 28.45 -7.25 -17.12
C CYS B 237 27.75 -6.20 -17.95
N SER B 238 26.47 -6.00 -17.67
CA SER B 238 25.60 -5.06 -18.38
C SER B 238 26.22 -3.76 -18.88
N GLY B 239 26.21 -3.61 -20.20
CA GLY B 239 26.77 -2.42 -20.81
C GLY B 239 25.99 -1.18 -20.48
N LEU B 240 24.79 -1.33 -19.93
CA LEU B 240 24.03 -0.16 -19.59
C LEU B 240 24.84 0.50 -18.47
N VAL B 241 24.60 0.11 -17.22
CA VAL B 241 25.31 0.64 -16.02
C VAL B 241 24.36 1.38 -15.06
N GLY B 242 24.29 0.90 -13.82
CA GLY B 242 23.39 1.49 -12.86
C GLY B 242 23.88 2.36 -11.71
N ASP B 243 24.93 3.15 -11.91
CA ASP B 243 25.35 4.03 -10.82
C ASP B 243 25.13 5.46 -11.28
N THR B 244 25.26 6.39 -10.33
CA THR B 244 25.14 7.81 -10.56
C THR B 244 26.21 8.46 -9.70
N PRO B 245 27.10 9.27 -10.31
CA PRO B 245 27.18 9.62 -11.74
C PRO B 245 27.55 8.50 -12.72
N ARG B 246 27.36 8.75 -14.00
CA ARG B 246 27.71 7.80 -15.04
C ARG B 246 27.72 8.43 -16.44
N ASN B 247 28.21 7.67 -17.41
CA ASN B 247 28.27 8.12 -18.79
C ASN B 247 26.90 7.79 -19.36
N ASP B 248 26.51 8.46 -20.44
CA ASP B 248 25.23 8.14 -21.06
C ASP B 248 25.35 6.78 -21.75
N ASP B 249 24.21 6.10 -21.87
CA ASP B 249 24.12 4.77 -22.47
C ASP B 249 24.94 4.52 -23.75
N ARG B 250 25.29 5.58 -24.46
CA ARG B 250 26.05 5.43 -25.70
C ARG B 250 27.54 5.37 -25.44
N SER B 251 27.97 6.04 -24.38
CA SER B 251 29.37 6.10 -24.01
C SER B 251 29.64 5.34 -22.72
N SER B 252 28.90 4.25 -22.49
CA SER B 252 29.01 3.41 -21.29
C SER B 252 29.55 2.06 -21.66
N ASN B 253 30.01 1.32 -20.64
CA ASN B 253 30.52 -0.04 -20.78
C ASN B 253 31.16 -0.65 -19.54
N SER B 254 31.21 -1.98 -19.53
CA SER B 254 31.78 -2.75 -18.43
C SER B 254 32.24 -4.05 -19.07
N ASN B 255 33.22 -4.71 -18.46
CA ASN B 255 33.73 -5.98 -18.98
C ASN B 255 33.50 -7.10 -17.98
N CYS B 256 32.69 -6.82 -16.96
CA CYS B 256 32.38 -7.77 -15.88
C CYS B 256 33.54 -7.94 -14.90
N ARG B 257 34.73 -7.42 -15.25
CA ARG B 257 35.90 -7.61 -14.39
C ARG B 257 36.54 -6.48 -13.61
N ASP B 258 36.69 -5.32 -14.23
CA ASP B 258 37.35 -4.20 -13.55
C ASP B 258 36.46 -2.95 -13.63
N PRO B 259 36.75 -1.91 -12.81
CA PRO B 259 35.97 -0.67 -12.81
C PRO B 259 36.02 -0.12 -14.23
N ASN B 260 34.95 0.48 -14.71
CA ASN B 260 35.00 0.99 -16.09
C ASN B 260 35.75 2.31 -16.19
N ASN B 261 36.15 2.83 -15.03
CA ASN B 261 36.88 4.09 -14.93
C ASN B 261 36.22 5.29 -15.59
N GLU B 262 34.90 5.34 -15.57
CA GLU B 262 34.19 6.45 -16.17
C GLU B 262 33.32 7.11 -15.12
N ARG B 263 33.68 8.30 -14.67
CA ARG B 263 32.91 9.01 -13.66
C ARG B 263 32.77 8.08 -12.45
N GLY B 264 33.87 7.45 -12.09
CA GLY B 264 33.87 6.49 -10.99
C GLY B 264 33.69 6.99 -9.58
N THR B 265 34.29 8.14 -9.27
CA THR B 265 34.20 8.68 -7.93
C THR B 265 32.75 9.00 -7.59
N GLN B 266 32.41 8.93 -6.31
CA GLN B 266 31.04 9.15 -5.84
C GLN B 266 30.13 7.99 -6.28
N GLY B 267 28.87 8.06 -5.87
CA GLY B 267 27.91 7.03 -6.20
C GLY B 267 26.63 7.14 -5.39
N VAL B 268 25.87 6.05 -5.37
CA VAL B 268 24.61 6.03 -4.64
C VAL B 268 24.27 4.58 -4.41
N LYS B 269 23.67 4.31 -3.26
CA LYS B 269 23.27 2.96 -2.91
C LYS B 269 22.32 2.45 -4.01
N GLY B 270 22.72 1.35 -4.65
CA GLY B 270 21.95 0.78 -5.72
C GLY B 270 21.74 -0.71 -5.63
N TRP B 271 21.08 -1.27 -6.65
CA TRP B 271 20.71 -2.68 -6.67
C TRP B 271 20.52 -3.34 -8.04
N ALA B 272 20.50 -4.67 -8.02
CA ALA B 272 20.30 -5.48 -9.22
C ALA B 272 20.17 -6.93 -8.78
N PHE B 273 19.69 -7.78 -9.68
CA PHE B 273 19.61 -9.20 -9.36
C PHE B 273 19.57 -10.08 -10.62
N ASP B 274 20.17 -11.25 -10.52
CA ASP B 274 20.23 -12.18 -11.65
C ASP B 274 18.92 -12.87 -12.00
N ASN B 275 18.79 -13.19 -13.29
CA ASN B 275 17.64 -13.91 -13.81
C ASN B 275 18.22 -14.67 -14.97
N GLY B 276 18.88 -15.78 -14.65
CA GLY B 276 19.53 -16.60 -15.67
C GLY B 276 20.68 -15.83 -16.28
N ASN B 277 20.62 -15.63 -17.59
CA ASN B 277 21.66 -14.85 -18.26
C ASN B 277 21.30 -13.37 -18.15
N ASP B 278 20.03 -13.09 -17.81
CA ASP B 278 19.47 -11.74 -17.70
C ASP B 278 19.67 -11.06 -16.36
N LEU B 279 19.39 -9.75 -16.34
CA LEU B 279 19.53 -8.94 -15.15
C LEU B 279 18.40 -7.92 -14.95
N TRP B 280 17.92 -7.80 -13.72
CA TRP B 280 16.88 -6.80 -13.39
C TRP B 280 17.59 -5.79 -12.55
N MET B 281 17.43 -4.52 -12.90
CA MET B 281 18.06 -3.44 -12.16
C MET B 281 17.16 -2.24 -12.14
N GLY B 282 17.59 -1.25 -11.39
CA GLY B 282 16.90 0.03 -11.29
C GLY B 282 17.99 1.06 -11.10
N ARG B 283 17.78 2.25 -11.65
CA ARG B 283 18.73 3.35 -11.52
C ARG B 283 17.95 4.65 -11.64
N THR B 284 18.56 5.76 -11.23
CA THR B 284 17.92 7.04 -11.35
C THR B 284 17.89 7.36 -12.87
N ILE B 285 16.89 8.09 -13.34
CA ILE B 285 16.85 8.39 -14.76
C ILE B 285 17.97 9.36 -15.16
N SER B 286 18.26 10.34 -14.32
CA SER B 286 19.34 11.25 -14.66
C SER B 286 20.68 10.59 -14.39
N LYS B 287 21.65 10.88 -15.24
CA LYS B 287 23.01 10.35 -15.08
C LYS B 287 23.87 11.22 -14.17
N ASP B 288 23.42 12.44 -13.87
CA ASP B 288 24.17 13.36 -13.03
C ASP B 288 23.73 13.43 -11.57
N LEU B 289 22.49 13.85 -11.32
CA LEU B 289 21.97 13.95 -9.94
C LEU B 289 20.97 12.83 -9.66
N ARG B 290 20.57 12.69 -8.39
CA ARG B 290 19.59 11.67 -7.98
C ARG B 290 18.16 12.15 -8.27
N SER B 291 17.74 12.05 -9.52
CA SER B 291 16.39 12.44 -9.87
C SER B 291 15.77 11.35 -10.72
N GLY B 292 14.52 11.03 -10.40
CA GLY B 292 13.80 10.01 -11.12
C GLY B 292 14.25 8.59 -10.80
N TYR B 293 13.45 7.63 -11.22
CA TYR B 293 13.80 6.26 -11.00
C TYR B 293 13.06 5.40 -12.01
N GLU B 294 13.77 4.48 -12.64
CA GLU B 294 13.17 3.58 -13.64
C GLU B 294 13.82 2.20 -13.49
N THR B 295 13.09 1.16 -13.88
CA THR B 295 13.59 -0.21 -13.76
C THR B 295 13.45 -0.96 -15.08
N PHE B 296 14.30 -1.95 -15.32
CA PHE B 296 14.23 -2.73 -16.54
C PHE B 296 15.12 -3.98 -16.52
N LYS B 297 14.82 -4.93 -17.40
CA LYS B 297 15.60 -6.14 -17.56
C LYS B 297 16.54 -5.87 -18.73
N VAL B 298 17.73 -6.43 -18.66
CA VAL B 298 18.71 -6.23 -19.72
C VAL B 298 18.99 -7.64 -20.20
N ILE B 299 18.52 -7.94 -21.40
CA ILE B 299 18.69 -9.26 -22.01
C ILE B 299 20.18 -9.59 -22.03
N GLY B 300 20.57 -10.69 -21.39
CA GLY B 300 21.97 -11.06 -21.37
C GLY B 300 22.85 -10.19 -20.47
N GLY B 301 22.25 -9.31 -19.67
CA GLY B 301 23.02 -8.43 -18.79
C GLY B 301 23.87 -9.04 -17.67
N TRP B 302 23.75 -10.34 -17.42
CA TRP B 302 24.52 -10.97 -16.37
C TRP B 302 25.72 -11.73 -16.97
N SER B 303 25.42 -12.63 -17.92
CA SER B 303 26.45 -13.44 -18.54
C SER B 303 27.32 -12.74 -19.59
N THR B 304 26.72 -11.99 -20.50
CA THR B 304 27.51 -11.30 -21.52
C THR B 304 28.00 -9.91 -21.14
N PRO B 305 29.29 -9.62 -21.41
CA PRO B 305 29.87 -8.31 -21.09
C PRO B 305 29.41 -7.21 -22.03
N ASN B 306 29.22 -6.03 -21.44
CA ASN B 306 28.81 -4.85 -22.17
C ASN B 306 27.43 -4.93 -22.81
N SER B 307 26.56 -5.75 -22.23
CA SER B 307 25.18 -5.91 -22.72
C SER B 307 24.33 -4.62 -22.55
N LYS B 308 23.83 -4.09 -23.65
CA LYS B 308 23.02 -2.88 -23.60
C LYS B 308 21.54 -3.10 -23.97
N SER B 309 21.23 -4.27 -24.52
CA SER B 309 19.87 -4.63 -24.93
C SER B 309 18.91 -4.71 -23.74
N GLN B 310 18.00 -3.72 -23.63
CA GLN B 310 17.05 -3.67 -22.53
C GLN B 310 15.58 -3.85 -22.94
N ILE B 311 14.73 -4.15 -21.95
CA ILE B 311 13.30 -4.37 -22.16
C ILE B 311 12.51 -4.34 -20.82
N ASN B 312 11.18 -4.31 -20.91
CA ASN B 312 10.31 -4.26 -19.73
C ASN B 312 10.62 -3.11 -18.77
N ARG B 313 10.68 -1.90 -19.31
CA ARG B 313 10.97 -0.70 -18.52
C ARG B 313 9.70 -0.08 -17.92
N GLN B 314 9.86 0.46 -16.71
CA GLN B 314 8.79 1.10 -15.95
C GLN B 314 9.44 2.27 -15.22
N VAL B 315 8.78 3.43 -15.18
CA VAL B 315 9.32 4.57 -14.43
C VAL B 315 8.56 4.53 -13.10
N ILE B 316 9.29 4.61 -11.98
CA ILE B 316 8.66 4.60 -10.67
C ILE B 316 8.48 6.06 -10.30
N VAL B 317 9.57 6.82 -10.39
CA VAL B 317 9.56 8.25 -10.12
C VAL B 317 9.94 8.94 -11.47
N ASP B 318 9.13 9.90 -11.91
CA ASP B 318 9.39 10.59 -13.18
C ASP B 318 10.62 11.48 -13.17
N SER B 319 11.10 11.76 -14.38
CA SER B 319 12.29 12.59 -14.65
C SER B 319 12.43 13.84 -13.78
N ASP B 320 11.30 14.51 -13.56
CA ASP B 320 11.23 15.73 -12.79
C ASP B 320 11.23 15.65 -11.25
N ASN B 321 11.39 14.46 -10.68
CA ASN B 321 11.34 14.36 -9.22
C ASN B 321 12.56 13.73 -8.56
N ARG B 322 12.83 14.16 -7.33
CA ARG B 322 13.97 13.68 -6.56
C ARG B 322 13.81 12.29 -5.95
N SER B 323 14.89 11.51 -5.97
CA SER B 323 14.86 10.19 -5.36
C SER B 323 15.99 10.11 -4.33
N GLY B 324 16.77 9.03 -4.31
CA GLY B 324 17.87 8.90 -3.36
C GLY B 324 18.38 7.47 -3.34
N TYR B 325 18.67 6.94 -2.16
CA TYR B 325 19.13 5.55 -1.98
C TYR B 325 18.06 4.53 -2.41
N SER B 326 18.48 3.26 -2.49
CA SER B 326 17.60 2.21 -2.94
C SER B 326 18.18 0.89 -2.42
N GLY B 327 17.29 -0.07 -2.18
CA GLY B 327 17.66 -1.38 -1.67
C GLY B 327 16.70 -2.47 -2.12
N ILE B 328 17.00 -3.72 -1.82
CA ILE B 328 16.14 -4.82 -2.20
C ILE B 328 15.80 -5.58 -0.92
N PHE B 329 14.71 -6.31 -0.97
CA PHE B 329 14.33 -7.15 0.15
C PHE B 329 13.58 -8.35 -0.41
N SER B 330 13.94 -9.52 0.09
CA SER B 330 13.36 -10.75 -0.36
C SER B 330 12.25 -11.23 0.56
N VAL B 331 11.20 -11.80 -0.02
CA VAL B 331 10.07 -12.27 0.77
C VAL B 331 9.72 -13.73 0.38
N GLU B 332 9.51 -14.60 1.36
CA GLU B 332 9.17 -16.00 1.05
C GLU B 332 7.69 -16.21 0.72
N GLY B 333 7.42 -16.87 -0.39
CA GLY B 333 6.05 -17.12 -0.81
C GLY B 333 5.70 -18.58 -0.64
N LYS B 334 4.62 -19.01 -1.29
CA LYS B 334 4.22 -20.41 -1.17
C LYS B 334 5.14 -21.35 -2.00
N SER B 335 5.70 -20.85 -3.11
CA SER B 335 6.55 -21.72 -3.92
C SER B 335 7.88 -21.16 -4.39
N CYS B 336 8.06 -19.86 -4.27
CA CYS B 336 9.27 -19.22 -4.73
C CYS B 336 9.57 -18.02 -3.84
N ILE B 337 10.82 -17.60 -3.77
CA ILE B 337 11.13 -16.42 -2.97
C ILE B 337 11.10 -15.21 -3.92
N ASN B 338 10.36 -14.18 -3.53
CA ASN B 338 10.17 -12.98 -4.36
C ASN B 338 11.03 -11.77 -4.02
N ARG B 339 11.44 -11.06 -5.06
CA ARG B 339 12.31 -9.88 -4.91
C ARG B 339 11.55 -8.57 -4.97
N CYS B 340 11.80 -7.72 -3.97
CA CYS B 340 11.17 -6.40 -3.87
C CYS B 340 12.20 -5.28 -3.75
N PHE B 341 11.75 -4.03 -3.69
CA PHE B 341 12.66 -2.88 -3.57
C PHE B 341 11.96 -1.64 -3.09
N TYR B 342 12.72 -0.74 -2.47
CA TYR B 342 12.19 0.52 -1.97
C TYR B 342 13.03 1.62 -2.58
N VAL B 343 12.46 2.82 -2.61
CA VAL B 343 13.13 4.01 -3.09
C VAL B 343 13.00 5.08 -2.02
N GLU B 344 14.14 5.66 -1.62
CA GLU B 344 14.15 6.74 -0.65
C GLU B 344 14.02 8.05 -1.44
N LEU B 345 12.97 8.82 -1.16
CA LEU B 345 12.75 10.11 -1.84
C LEU B 345 13.13 11.25 -0.88
N ILE B 346 14.32 11.82 -1.09
CA ILE B 346 14.80 12.90 -0.24
C ILE B 346 14.38 14.29 -0.68
N ARG B 347 14.06 15.12 0.32
CA ARG B 347 13.59 16.48 0.08
C ARG B 347 14.28 17.45 1.03
N GLY B 348 14.50 18.69 0.57
CA GLY B 348 15.12 19.65 1.42
C GLY B 348 16.53 20.08 1.10
N ARG B 349 17.16 20.60 2.14
CA ARG B 349 18.49 21.17 2.08
C ARG B 349 19.58 20.57 1.23
N LYS B 350 20.41 21.51 0.76
CA LYS B 350 21.55 21.33 -0.11
C LYS B 350 21.14 21.17 -1.56
N GLN B 351 19.84 21.17 -1.80
CA GLN B 351 19.31 21.00 -3.14
C GLN B 351 18.06 21.84 -3.32
N GLU B 352 17.25 21.92 -2.28
CA GLU B 352 16.03 22.72 -2.24
C GLU B 352 16.32 23.64 -1.05
N THR B 353 16.58 24.91 -1.34
CA THR B 353 17.01 25.83 -0.32
C THR B 353 16.01 26.67 0.44
N ARG B 354 14.72 26.40 0.30
CA ARG B 354 13.75 27.20 1.04
C ARG B 354 13.80 26.80 2.50
N VAL B 355 13.97 25.52 2.73
CA VAL B 355 14.00 24.97 4.09
C VAL B 355 15.42 24.72 4.57
N TRP B 356 15.58 24.55 5.87
CA TRP B 356 16.90 24.34 6.42
C TRP B 356 17.15 22.94 6.88
N TRP B 357 16.21 22.05 6.54
CA TRP B 357 16.24 20.65 6.93
C TRP B 357 16.42 19.66 5.78
N THR B 358 16.53 18.38 6.14
CA THR B 358 16.69 17.26 5.21
C THR B 358 15.98 16.05 5.81
N SER B 359 15.18 15.37 5.02
CA SER B 359 14.42 14.23 5.53
C SER B 359 14.09 13.44 4.28
N ASN B 360 13.17 12.49 4.37
CA ASN B 360 12.84 11.71 3.19
C ASN B 360 11.54 10.94 3.31
N SER B 361 11.08 10.44 2.17
CA SER B 361 9.87 9.63 2.06
C SER B 361 10.30 8.32 1.37
N ILE B 362 9.40 7.34 1.31
CA ILE B 362 9.71 6.05 0.68
C ILE B 362 8.57 5.53 -0.18
N VAL B 363 8.87 4.65 -1.13
CA VAL B 363 7.87 4.01 -2.00
C VAL B 363 8.48 2.64 -2.20
N VAL B 364 7.68 1.58 -2.20
CA VAL B 364 8.22 0.25 -2.39
C VAL B 364 7.35 -0.56 -3.35
N PHE B 365 8.02 -1.29 -4.24
CA PHE B 365 7.36 -2.13 -5.25
C PHE B 365 7.83 -3.58 -5.09
N CYS B 366 6.97 -4.52 -5.42
CA CYS B 366 7.35 -5.93 -5.35
C CYS B 366 7.17 -6.58 -6.70
N GLY B 367 8.01 -7.56 -7.01
CA GLY B 367 7.91 -8.23 -8.29
C GLY B 367 6.58 -8.95 -8.51
N THR B 368 6.20 -9.08 -9.75
CA THR B 368 4.96 -9.77 -10.06
C THR B 368 5.13 -10.61 -11.33
N SER B 369 4.20 -11.52 -11.54
CA SER B 369 4.22 -12.37 -12.72
C SER B 369 2.95 -12.12 -13.51
N GLY B 370 2.15 -11.18 -13.05
CA GLY B 370 0.91 -10.85 -13.72
C GLY B 370 1.07 -9.68 -14.65
N THR B 371 0.03 -8.87 -14.78
CA THR B 371 0.14 -7.72 -15.66
C THR B 371 0.03 -6.44 -14.82
N TYR B 372 0.50 -5.33 -15.39
CA TYR B 372 0.50 -4.04 -14.70
C TYR B 372 0.45 -2.89 -15.72
N GLY B 373 0.62 -1.66 -15.22
CA GLY B 373 0.55 -0.48 -16.08
C GLY B 373 1.71 0.49 -16.04
N THR B 374 1.37 1.76 -15.83
CA THR B 374 2.35 2.85 -15.76
C THR B 374 1.88 3.94 -14.78
N GLY B 375 2.79 4.85 -14.41
CA GLY B 375 2.43 5.91 -13.50
C GLY B 375 3.69 6.49 -12.90
N SER B 376 3.56 7.26 -11.84
CA SER B 376 4.73 7.84 -11.19
C SER B 376 4.29 8.10 -9.75
N TRP B 377 5.12 7.72 -8.79
CA TRP B 377 4.75 7.92 -7.38
C TRP B 377 5.85 8.60 -6.61
N PRO B 378 5.93 9.94 -6.68
CA PRO B 378 7.00 10.62 -5.93
C PRO B 378 6.56 11.07 -4.55
N ASP B 379 7.46 11.71 -3.81
CA ASP B 379 7.18 12.23 -2.48
C ASP B 379 5.82 12.92 -2.45
N GLY B 380 5.70 14.00 -3.23
CA GLY B 380 4.45 14.71 -3.35
C GLY B 380 4.24 15.94 -2.47
N ALA B 381 5.28 16.40 -1.78
CA ALA B 381 5.11 17.57 -0.93
C ALA B 381 5.40 18.87 -1.66
N ASN B 382 4.62 19.89 -1.34
CA ASN B 382 4.81 21.21 -1.92
C ASN B 382 5.85 21.89 -1.03
N ILE B 383 7.08 22.00 -1.53
CA ILE B 383 8.17 22.64 -0.78
C ILE B 383 7.74 24.01 -0.25
N ASN B 384 6.76 24.62 -0.92
CA ASN B 384 6.29 25.93 -0.48
C ASN B 384 5.39 25.85 0.74
N PHE B 385 4.72 24.71 0.96
CA PHE B 385 3.84 24.54 2.11
C PHE B 385 4.66 24.31 3.36
N MET B 386 4.20 24.91 4.43
CA MET B 386 4.80 24.93 5.76
C MET B 386 6.23 24.42 6.18
N PRO B 387 6.51 24.25 7.49
CA PRO B 387 7.85 23.82 7.89
C PRO B 387 9.16 24.42 7.32
N ILE B 388 9.59 25.50 7.96
CA ILE B 388 10.84 26.22 7.72
C ILE B 388 11.05 27.22 6.56
#